data_6PBM
#
_entry.id   6PBM
#
_cell.length_a   180.854
_cell.length_b   53.865
_cell.length_c   96.881
_cell.angle_alpha   90.00
_cell.angle_beta   99.08
_cell.angle_gamma   90.00
#
_symmetry.space_group_name_H-M   'C 1 2 1'
#
loop_
_entity.id
_entity.type
_entity.pdbx_description
1 polymer 'Pseudopaline Dehydrogenase'
2 non-polymer 'NADP NICOTINAMIDE-ADENINE-DINUCLEOTIDE PHOSPHATE'
3 non-polymer 1,2-ETHANEDIOL
4 water water
#
_entity_poly.entity_id   1
_entity_poly.type   'polypeptide(L)'
_entity_poly.pdbx_seq_one_letter_code
;HHHHHHSSGLVPRGSHMNAADESLGNVLLVGLGAVAIQVALDLRRHGAGRLGALNHPGRRSQRIAEALARGACLQLEGQG
QHRWLSGNAALDVFHQDPAELRDDWQTLVLCVPADSYLDVVRGLPWERLGGVRTLLLVSAFIGANLLVRSALPAGCQATV
LSLSSYYAATKVIDETQPLRALTKAVKRRVYLGSSRPDCPARETWRRVLAGSGVEVVPLATPEAAEGRNVTTYVHSPFFL
GEFALARILSEQGPPGFMYKLYPEGPITPGAIGAMRRLWCELSELLRRMGAEPLNLLRFLNDDNYPVHETMLPRASIDGF
AEAGAERQEYLLFVRYAALLVDPFSPADEQGRHFDFSAVPFRRVSRDEDGLWRLPRVPLEDYRKLALIVALAAHFDLAMP
QARSLLASYENAVSRFIDCQGASQCHPSLYPIDSRPAADAIYRQWCSTC
;
_entity_poly.pdbx_strand_id   A,B
#
loop_
_chem_comp.id
_chem_comp.type
_chem_comp.name
_chem_comp.formula
EDO non-polymer 1,2-ETHANEDIOL 'C2 H6 O2'
NAP non-polymer 'NADP NICOTINAMIDE-ADENINE-DINUCLEOTIDE PHOSPHATE' 'C21 H28 N7 O17 P3'
#
# COMPACT_ATOMS: atom_id res chain seq x y z
N GLU A 22 42.35 -24.89 -4.47
CA GLU A 22 43.15 -25.50 -3.42
C GLU A 22 42.22 -26.09 -2.36
N SER A 23 41.47 -25.25 -1.69
CA SER A 23 40.37 -25.76 -0.88
C SER A 23 39.16 -26.09 -1.75
N LEU A 24 39.06 -25.49 -2.95
CA LEU A 24 38.00 -25.87 -3.88
C LEU A 24 38.44 -26.91 -4.88
N GLY A 25 39.68 -26.86 -5.36
CA GLY A 25 40.09 -27.87 -6.31
C GLY A 25 39.27 -27.76 -7.58
N ASN A 26 39.02 -28.91 -8.21
CA ASN A 26 38.16 -28.98 -9.38
C ASN A 26 36.70 -29.02 -8.93
N VAL A 27 35.88 -28.19 -9.53
CA VAL A 27 34.52 -27.92 -9.06
C VAL A 27 33.54 -28.38 -10.13
N LEU A 28 32.56 -29.21 -9.71
CA LEU A 28 31.49 -29.70 -10.59
C LEU A 28 30.18 -29.05 -10.19
N LEU A 29 29.62 -28.24 -11.08
CA LEU A 29 28.30 -27.66 -10.90
C LEU A 29 27.26 -28.70 -11.28
N VAL A 30 26.36 -29.00 -10.39
CA VAL A 30 25.29 -29.97 -10.63
C VAL A 30 24.01 -29.19 -10.85
N GLY A 31 23.53 -29.23 -12.10
CA GLY A 31 22.48 -28.35 -12.54
C GLY A 31 23.15 -27.16 -13.19
N LEU A 32 22.74 -26.75 -14.36
CA LEU A 32 23.37 -25.61 -15.04
C LEU A 32 22.29 -24.68 -15.56
N GLY A 33 21.62 -24.01 -14.61
CA GLY A 33 20.66 -22.98 -14.89
C GLY A 33 21.14 -21.61 -14.41
N ALA A 34 20.18 -20.77 -14.04
CA ALA A 34 20.46 -19.36 -13.73
C ALA A 34 21.41 -19.25 -12.54
N VAL A 35 21.13 -19.97 -11.45
CA VAL A 35 21.98 -19.94 -10.27
C VAL A 35 23.40 -20.39 -10.62
N ALA A 36 23.51 -21.46 -11.41
CA ALA A 36 24.82 -22.00 -11.73
C ALA A 36 25.67 -20.99 -12.48
N ILE A 37 25.06 -20.18 -13.34
CA ILE A 37 25.85 -19.25 -14.14
C ILE A 37 26.42 -18.15 -13.27
N GLN A 38 25.61 -17.62 -12.34
CA GLN A 38 26.13 -16.66 -11.36
C GLN A 38 27.22 -17.28 -10.52
N VAL A 39 26.98 -18.49 -9.99
CA VAL A 39 27.98 -19.15 -9.16
C VAL A 39 29.26 -19.38 -9.96
N ALA A 40 29.13 -19.74 -11.23
CA ALA A 40 30.30 -19.98 -12.05
C ALA A 40 31.14 -18.70 -12.19
N LEU A 41 30.49 -17.56 -12.40
CA LEU A 41 31.24 -16.30 -12.51
C LEU A 41 31.98 -16.03 -11.22
N ASP A 42 31.34 -16.27 -10.07
CA ASP A 42 32.00 -16.05 -8.78
C ASP A 42 33.14 -17.05 -8.54
N LEU A 43 32.98 -18.30 -9.01
CA LEU A 43 34.03 -19.29 -8.85
C LEU A 43 35.24 -18.99 -9.74
N ARG A 44 34.99 -18.49 -10.95
CA ARG A 44 36.09 -18.19 -11.86
C ARG A 44 36.88 -16.96 -11.41
N ARG A 45 36.22 -16.00 -10.76
CA ARG A 45 36.95 -14.89 -10.16
C ARG A 45 37.94 -15.43 -9.11
N HIS A 46 37.46 -16.32 -8.25
CA HIS A 46 38.25 -16.84 -7.15
C HIS A 46 39.34 -17.77 -7.64
N GLY A 47 39.01 -18.70 -8.54
CA GLY A 47 40.00 -19.60 -9.06
C GLY A 47 39.64 -21.02 -8.71
N ALA A 48 38.98 -21.70 -9.65
CA ALA A 48 38.32 -22.97 -9.38
C ALA A 48 39.10 -24.18 -9.86
N GLY A 49 40.34 -24.02 -10.28
CA GLY A 49 40.95 -25.13 -11.00
C GLY A 49 40.07 -25.39 -12.22
N ARG A 50 39.74 -26.65 -12.47
CA ARG A 50 38.83 -26.97 -13.53
C ARG A 50 37.39 -26.75 -13.06
N LEU A 51 36.55 -26.30 -13.98
CA LEU A 51 35.13 -26.07 -13.71
C LEU A 51 34.35 -26.92 -14.69
N GLY A 52 33.54 -27.85 -14.17
CA GLY A 52 32.67 -28.67 -14.97
C GLY A 52 31.22 -28.50 -14.54
N ALA A 53 30.33 -29.05 -15.35
CA ALA A 53 28.91 -29.05 -15.03
C ALA A 53 28.27 -30.35 -15.51
N LEU A 54 27.25 -30.76 -14.76
CA LEU A 54 26.44 -31.93 -15.07
C LEU A 54 25.00 -31.48 -15.06
N ASN A 55 24.25 -31.81 -16.11
CA ASN A 55 22.82 -31.51 -16.17
C ASN A 55 22.11 -32.67 -16.86
N HIS A 56 20.99 -33.11 -16.28
CA HIS A 56 20.32 -34.29 -16.80
C HIS A 56 19.82 -34.05 -18.22
N PRO A 57 19.62 -35.12 -18.99
CA PRO A 57 19.21 -34.96 -20.39
C PRO A 57 17.90 -34.22 -20.56
N GLY A 58 17.81 -33.53 -21.67
CA GLY A 58 16.63 -32.76 -21.96
C GLY A 58 16.96 -31.66 -22.93
N ARG A 59 15.94 -30.86 -23.24
CA ARG A 59 16.10 -29.80 -24.22
C ARG A 59 17.15 -28.79 -23.79
N ARG A 60 17.18 -28.44 -22.50
CA ARG A 60 18.19 -27.48 -22.04
CA ARG A 60 18.18 -27.49 -22.04
C ARG A 60 19.59 -28.03 -22.22
N SER A 61 19.82 -29.29 -21.81
CA SER A 61 21.14 -29.88 -21.94
C SER A 61 21.56 -29.97 -23.40
N GLN A 62 20.62 -30.27 -24.28
CA GLN A 62 20.93 -30.30 -25.70
C GLN A 62 21.36 -28.94 -26.19
N ARG A 63 20.65 -27.90 -25.77
CA ARG A 63 21.00 -26.54 -26.15
C ARG A 63 22.33 -26.12 -25.55
N ILE A 64 22.62 -26.54 -24.31
CA ILE A 64 23.89 -26.21 -23.68
C ILE A 64 25.03 -26.85 -24.44
N ALA A 65 24.94 -28.15 -24.74
CA ALA A 65 26.00 -28.84 -25.46
C ALA A 65 26.23 -28.18 -26.83
N GLU A 66 25.15 -27.79 -27.51
CA GLU A 66 25.29 -27.11 -28.79
C GLU A 66 26.05 -25.80 -28.64
N ALA A 67 25.69 -25.01 -27.62
CA ALA A 67 26.34 -23.72 -27.42
C ALA A 67 27.81 -23.91 -27.07
N LEU A 68 28.11 -24.83 -26.16
CA LEU A 68 29.50 -25.06 -25.81
C LEU A 68 30.31 -25.53 -27.01
N ALA A 69 29.71 -26.40 -27.83
CA ALA A 69 30.43 -26.95 -28.98
C ALA A 69 30.74 -25.87 -30.01
N ARG A 70 29.94 -24.82 -30.09
CA ARG A 70 30.18 -23.70 -30.99
C ARG A 70 31.10 -22.63 -30.38
N GLY A 71 31.63 -22.89 -29.19
CA GLY A 71 32.58 -22.00 -28.55
C GLY A 71 32.01 -21.01 -27.56
N ALA A 72 30.75 -21.16 -27.17
CA ALA A 72 30.13 -20.21 -26.26
C ALA A 72 30.71 -20.36 -24.84
N CYS A 73 30.64 -19.27 -24.09
CA CYS A 73 30.98 -19.29 -22.68
C CYS A 73 29.75 -18.90 -21.86
N LEU A 74 29.85 -19.07 -20.55
CA LEU A 74 28.82 -18.57 -19.64
C LEU A 74 28.91 -17.05 -19.61
N GLN A 75 27.75 -16.40 -19.67
CA GLN A 75 27.70 -14.94 -19.63
C GLN A 75 26.74 -14.50 -18.53
N LEU A 76 27.22 -13.63 -17.64
CA LEU A 76 26.42 -13.07 -16.57
C LEU A 76 26.35 -11.56 -16.77
N GLU A 77 25.14 -11.04 -16.97
CA GLU A 77 24.90 -9.60 -17.04
C GLU A 77 24.24 -9.15 -15.75
N GLY A 78 24.75 -8.05 -15.18
CA GLY A 78 24.08 -7.39 -14.06
C GLY A 78 23.17 -6.28 -14.53
N GLN A 79 21.96 -6.26 -14.00
CA GLN A 79 20.95 -5.26 -14.37
C GLN A 79 21.08 -4.00 -13.53
N GLY A 80 20.95 -2.85 -14.16
CA GLY A 80 20.87 -1.59 -13.43
C GLY A 80 22.07 -1.35 -12.55
N GLN A 81 21.82 -1.15 -11.25
CA GLN A 81 22.92 -0.84 -10.33
C GLN A 81 23.87 -2.02 -10.16
N HIS A 82 23.48 -3.19 -10.64
CA HIS A 82 24.31 -4.39 -10.55
C HIS A 82 25.15 -4.61 -11.79
N ARG A 83 25.14 -3.66 -12.73
CA ARG A 83 25.90 -3.82 -13.97
C ARG A 83 27.37 -4.10 -13.73
N TRP A 84 27.88 -3.66 -12.60
CA TRP A 84 29.27 -3.84 -12.28
C TRP A 84 29.76 -5.29 -12.22
N LEU A 85 28.92 -6.21 -11.85
CA LEU A 85 29.38 -7.56 -11.79
C LEU A 85 29.26 -8.38 -13.12
N SER A 86 28.86 -7.78 -14.25
CA SER A 86 28.77 -8.50 -15.49
C SER A 86 30.11 -9.10 -15.87
N GLY A 87 30.08 -10.31 -16.36
CA GLY A 87 31.29 -10.97 -16.78
C GLY A 87 31.00 -12.27 -17.51
N ASN A 88 32.09 -12.88 -18.00
CA ASN A 88 32.10 -14.13 -18.74
C ASN A 88 32.90 -15.18 -17.99
N ALA A 89 32.45 -16.44 -18.08
CA ALA A 89 33.14 -17.53 -17.42
C ALA A 89 33.18 -18.72 -18.38
N ALA A 90 34.36 -19.34 -18.51
CA ALA A 90 34.52 -20.52 -19.35
C ALA A 90 34.21 -21.77 -18.55
N LEU A 91 33.62 -22.75 -19.22
CA LEU A 91 33.35 -24.08 -18.67
C LEU A 91 34.29 -25.06 -19.33
N ASP A 92 35.01 -25.85 -18.53
CA ASP A 92 35.98 -26.79 -19.10
C ASP A 92 35.29 -28.02 -19.68
N VAL A 93 34.28 -28.55 -18.98
CA VAL A 93 33.60 -29.75 -19.41
C VAL A 93 32.12 -29.65 -19.02
N PHE A 94 31.27 -30.21 -19.88
CA PHE A 94 29.84 -30.30 -19.63
C PHE A 94 29.43 -31.75 -19.90
N HIS A 95 28.67 -32.31 -18.96
CA HIS A 95 28.17 -33.67 -19.05
C HIS A 95 26.65 -33.65 -18.96
N GLN A 96 25.98 -34.40 -19.84
CA GLN A 96 24.57 -34.68 -19.66
C GLN A 96 24.36 -36.18 -19.51
N ASP A 97 25.45 -36.87 -19.20
CA ASP A 97 25.48 -38.34 -19.08
C ASP A 97 26.44 -38.60 -17.93
N PRO A 98 25.93 -38.98 -16.74
CA PRO A 98 26.83 -39.23 -15.60
C PRO A 98 27.79 -40.37 -15.81
N ALA A 99 27.58 -41.22 -16.83
CA ALA A 99 28.49 -42.33 -17.06
C ALA A 99 29.87 -41.90 -17.49
N GLU A 100 30.00 -40.67 -18.00
CA GLU A 100 31.28 -40.15 -18.44
C GLU A 100 32.08 -39.52 -17.31
N LEU A 101 31.48 -39.33 -16.14
CA LEU A 101 32.18 -38.71 -15.03
C LEU A 101 33.24 -39.65 -14.47
N ARG A 102 34.37 -39.07 -14.09
CA ARG A 102 35.44 -39.80 -13.44
C ARG A 102 35.80 -39.08 -12.15
N ASP A 103 36.67 -39.71 -11.36
CA ASP A 103 37.03 -39.21 -10.03
C ASP A 103 38.02 -38.05 -10.14
N ASP A 104 37.51 -36.92 -10.64
CA ASP A 104 38.31 -35.75 -10.92
C ASP A 104 37.91 -34.51 -10.13
N TRP A 105 36.97 -34.63 -9.20
CA TRP A 105 36.25 -33.48 -8.64
C TRP A 105 36.41 -33.45 -7.13
N GLN A 106 36.77 -32.29 -6.61
CA GLN A 106 36.89 -32.11 -5.16
C GLN A 106 35.68 -31.42 -4.55
N THR A 107 34.95 -30.63 -5.33
CA THR A 107 33.82 -29.87 -4.82
C THR A 107 32.63 -30.07 -5.76
N LEU A 108 31.47 -30.40 -5.19
CA LEU A 108 30.21 -30.42 -5.92
C LEU A 108 29.34 -29.27 -5.45
N VAL A 109 28.73 -28.54 -6.38
CA VAL A 109 27.85 -27.42 -6.06
C VAL A 109 26.48 -27.74 -6.65
N LEU A 110 25.50 -27.97 -5.77
CA LEU A 110 24.15 -28.32 -6.23
C LEU A 110 23.37 -27.04 -6.55
N CYS A 111 23.15 -26.80 -7.85
CA CYS A 111 22.44 -25.65 -8.38
C CYS A 111 21.08 -26.06 -8.93
N VAL A 112 20.68 -27.30 -8.70
CA VAL A 112 19.36 -27.80 -9.05
C VAL A 112 18.34 -27.24 -8.07
N PRO A 113 17.06 -27.36 -8.38
CA PRO A 113 16.04 -26.96 -7.41
C PRO A 113 16.19 -27.71 -6.09
N ALA A 114 15.95 -26.98 -4.99
CA ALA A 114 16.09 -27.59 -3.68
C ALA A 114 15.14 -28.77 -3.47
N ASP A 115 13.99 -28.80 -4.13
CA ASP A 115 13.10 -29.95 -3.97
C ASP A 115 13.61 -31.18 -4.70
N SER A 116 14.71 -31.08 -5.45
CA SER A 116 15.28 -32.20 -6.17
C SER A 116 16.56 -32.71 -5.53
N TYR A 117 16.99 -32.12 -4.39
CA TYR A 117 18.28 -32.49 -3.83
C TYR A 117 18.37 -34.00 -3.57
N LEU A 118 17.33 -34.61 -3.00
CA LEU A 118 17.39 -36.03 -2.67
C LEU A 118 17.57 -36.87 -3.93
N ASP A 119 16.72 -36.63 -4.94
CA ASP A 119 16.85 -37.35 -6.21
C ASP A 119 18.25 -37.17 -6.81
N VAL A 120 18.74 -35.93 -6.79
CA VAL A 120 19.98 -35.62 -7.49
C VAL A 120 21.15 -36.25 -6.78
N VAL A 121 21.17 -36.21 -5.44
CA VAL A 121 22.25 -36.83 -4.69
C VAL A 121 22.22 -38.35 -4.87
N ARG A 122 21.02 -38.96 -4.87
CA ARG A 122 20.92 -40.40 -5.11
C ARG A 122 21.43 -40.79 -6.49
N GLY A 123 21.26 -39.94 -7.49
CA GLY A 123 21.60 -40.26 -8.85
C GLY A 123 23.03 -40.01 -9.24
N LEU A 124 23.82 -39.37 -8.38
CA LEU A 124 25.20 -39.13 -8.73
C LEU A 124 25.99 -40.43 -8.69
N PRO A 125 26.97 -40.58 -9.56
CA PRO A 125 27.74 -41.87 -9.56
C PRO A 125 28.84 -41.88 -8.50
N TRP A 126 28.44 -42.09 -7.25
CA TRP A 126 29.36 -41.91 -6.14
C TRP A 126 30.54 -42.87 -6.19
N GLU A 127 30.41 -44.01 -6.87
CA GLU A 127 31.53 -44.93 -7.03
C GLU A 127 32.68 -44.30 -7.78
N ARG A 128 32.42 -43.28 -8.59
CA ARG A 128 33.44 -42.56 -9.33
C ARG A 128 33.66 -41.15 -8.78
N LEU A 129 33.26 -40.90 -7.54
CA LEU A 129 33.37 -39.57 -6.94
C LEU A 129 34.00 -39.62 -5.55
N GLY A 130 34.89 -40.58 -5.31
CA GLY A 130 35.48 -40.75 -3.99
C GLY A 130 36.31 -39.56 -3.54
N GLY A 131 36.83 -38.80 -4.48
CA GLY A 131 37.63 -37.66 -4.14
C GLY A 131 36.86 -36.43 -3.74
N VAL A 132 35.54 -36.45 -3.82
CA VAL A 132 34.76 -35.28 -3.44
C VAL A 132 34.92 -35.04 -1.95
N ARG A 133 35.32 -33.82 -1.60
CA ARG A 133 35.49 -33.45 -0.20
C ARG A 133 34.40 -32.51 0.31
N THR A 134 33.75 -31.73 -0.56
CA THR A 134 32.68 -30.84 -0.12
C THR A 134 31.55 -30.85 -1.14
N LEU A 135 30.33 -30.72 -0.61
CA LEU A 135 29.10 -30.63 -1.38
C LEU A 135 28.32 -29.44 -0.84
N LEU A 136 28.09 -28.44 -1.69
CA LEU A 136 27.40 -27.22 -1.29
C LEU A 136 25.97 -27.22 -1.81
N LEU A 137 25.03 -27.00 -0.90
CA LEU A 137 23.61 -26.80 -1.21
C LEU A 137 23.36 -25.29 -1.27
N VAL A 138 23.09 -24.77 -2.45
CA VAL A 138 23.02 -23.33 -2.66
C VAL A 138 21.74 -22.72 -2.12
N SER A 139 20.66 -23.47 -2.06
CA SER A 139 19.37 -22.98 -1.53
C SER A 139 18.84 -24.01 -0.54
N ALA A 140 19.42 -24.01 0.65
CA ALA A 140 19.03 -25.02 1.61
C ALA A 140 17.74 -24.63 2.34
N PHE A 141 17.17 -25.59 3.02
CA PHE A 141 15.99 -25.45 3.84
C PHE A 141 16.17 -26.36 5.05
N ILE A 142 15.34 -26.18 6.07
CA ILE A 142 15.54 -26.90 7.32
C ILE A 142 15.49 -28.40 7.06
N GLY A 143 16.57 -29.11 7.43
CA GLY A 143 16.68 -30.55 7.23
C GLY A 143 17.40 -30.96 5.95
N ALA A 144 17.71 -30.05 5.04
CA ALA A 144 18.32 -30.43 3.77
C ALA A 144 19.69 -31.06 3.95
N ASN A 145 20.54 -30.50 4.81
CA ASN A 145 21.87 -31.05 5.06
C ASN A 145 21.76 -32.49 5.52
N LEU A 146 20.88 -32.73 6.50
CA LEU A 146 20.68 -34.06 7.05
C LEU A 146 20.12 -35.02 6.00
N LEU A 147 19.18 -34.55 5.19
CA LEU A 147 18.64 -35.40 4.13
C LEU A 147 19.72 -35.83 3.14
N VAL A 148 20.52 -34.87 2.69
CA VAL A 148 21.59 -35.16 1.75
C VAL A 148 22.58 -36.15 2.36
N ARG A 149 22.98 -35.91 3.61
CA ARG A 149 23.89 -36.86 4.26
C ARG A 149 23.30 -38.25 4.37
N SER A 150 21.99 -38.34 4.63
CA SER A 150 21.33 -39.65 4.70
C SER A 150 21.42 -40.43 3.40
N ALA A 151 21.56 -39.74 2.26
CA ALA A 151 21.64 -40.36 0.94
C ALA A 151 23.05 -40.67 0.46
N LEU A 152 24.07 -40.18 1.14
CA LEU A 152 25.44 -40.42 0.73
C LEU A 152 25.82 -41.87 1.00
N PRO A 153 26.73 -42.42 0.22
CA PRO A 153 27.16 -43.82 0.48
C PRO A 153 27.88 -43.93 1.82
N ALA A 154 27.87 -45.14 2.36
CA ALA A 154 28.53 -45.37 3.63
C ALA A 154 30.01 -45.03 3.53
N GLY A 155 30.52 -44.36 4.55
CA GLY A 155 31.92 -43.96 4.59
C GLY A 155 32.27 -42.78 3.71
N CYS A 156 31.28 -42.10 3.13
CA CYS A 156 31.58 -40.96 2.27
C CYS A 156 32.25 -39.86 3.08
N GLN A 157 33.30 -39.29 2.48
CA GLN A 157 34.14 -38.32 3.17
C GLN A 157 33.63 -36.89 3.05
N ALA A 158 32.59 -36.66 2.29
CA ALA A 158 32.26 -35.32 1.87
C ALA A 158 31.60 -34.55 3.01
N THR A 159 32.09 -33.35 3.24
CA THR A 159 31.40 -32.37 4.09
C THR A 159 30.27 -31.75 3.29
N VAL A 160 29.12 -31.59 3.92
CA VAL A 160 27.96 -30.98 3.27
C VAL A 160 27.77 -29.58 3.86
N LEU A 161 27.70 -28.58 3.00
CA LEU A 161 27.51 -27.19 3.39
C LEU A 161 26.12 -26.73 2.97
N SER A 162 25.47 -26.00 3.87
CA SER A 162 24.15 -25.44 3.59
C SER A 162 24.26 -23.91 3.53
N LEU A 163 24.04 -23.35 2.34
CA LEU A 163 23.81 -21.90 2.21
C LEU A 163 22.34 -21.58 2.47
N SER A 164 22.09 -20.52 3.25
CA SER A 164 20.73 -20.23 3.71
C SER A 164 19.78 -20.01 2.55
N SER A 165 20.19 -19.17 1.59
CA SER A 165 19.35 -18.76 0.47
C SER A 165 20.28 -18.53 -0.71
N TYR A 166 19.77 -18.73 -1.92
CA TYR A 166 20.50 -18.18 -3.06
C TYR A 166 20.67 -16.67 -2.86
N TYR A 167 21.83 -16.16 -3.24
CA TYR A 167 22.25 -14.82 -2.80
C TYR A 167 21.91 -13.70 -3.77
N ALA A 168 21.11 -13.98 -4.79
CA ALA A 168 20.77 -13.00 -5.81
C ALA A 168 19.39 -13.32 -6.38
N ALA A 169 19.01 -12.54 -7.38
CA ALA A 169 17.88 -12.86 -8.24
C ALA A 169 18.44 -12.91 -9.66
N THR A 170 18.34 -14.07 -10.29
CA THR A 170 19.00 -14.35 -11.55
C THR A 170 18.06 -15.16 -12.43
N LYS A 171 18.03 -14.82 -13.72
CA LYS A 171 17.17 -15.51 -14.67
C LYS A 171 17.91 -15.73 -15.98
N VAL A 172 17.64 -16.87 -16.61
CA VAL A 172 18.07 -17.09 -17.99
C VAL A 172 17.06 -16.36 -18.87
N ILE A 173 17.53 -15.29 -19.52
CA ILE A 173 16.64 -14.36 -20.21
C ILE A 173 15.93 -15.06 -21.36
N ASP A 174 16.68 -15.81 -22.13
CA ASP A 174 16.27 -16.40 -23.40
C ASP A 174 16.72 -17.86 -23.38
N GLU A 175 15.75 -18.76 -23.27
CA GLU A 175 16.05 -20.18 -23.20
C GLU A 175 16.78 -20.70 -24.44
N THR A 176 16.76 -19.98 -25.58
CA THR A 176 17.58 -20.41 -26.72
C THR A 176 19.03 -19.96 -26.61
N GLN A 177 19.37 -19.16 -25.60
CA GLN A 177 20.76 -18.86 -25.24
C GLN A 177 20.91 -19.30 -23.79
N PRO A 178 20.95 -20.61 -23.54
CA PRO A 178 20.85 -21.12 -22.17
C PRO A 178 21.98 -20.72 -21.29
N LEU A 179 23.09 -20.21 -21.84
CA LEU A 179 24.27 -19.92 -21.06
C LEU A 179 24.38 -18.45 -20.68
N ARG A 180 23.37 -17.65 -21.00
CA ARG A 180 23.34 -16.22 -20.67
C ARG A 180 22.28 -15.91 -19.63
N ALA A 181 22.73 -15.33 -18.51
CA ALA A 181 21.84 -15.03 -17.40
C ALA A 181 21.98 -13.56 -17.02
N LEU A 182 20.90 -13.08 -16.38
CA LEU A 182 20.74 -11.69 -15.93
C LEU A 182 20.51 -11.71 -14.43
N THR A 183 21.35 -11.03 -13.68
CA THR A 183 21.15 -10.92 -12.24
C THR A 183 20.57 -9.53 -11.97
N LYS A 184 19.38 -9.46 -11.43
CA LYS A 184 18.73 -8.18 -11.17
C LYS A 184 18.68 -7.70 -9.73
N ALA A 185 19.12 -8.47 -8.77
CA ALA A 185 19.21 -8.07 -7.38
C ALA A 185 20.26 -8.92 -6.73
N VAL A 186 20.83 -8.39 -5.65
CA VAL A 186 21.83 -9.12 -4.89
C VAL A 186 21.52 -8.87 -3.42
N LYS A 187 21.51 -9.93 -2.63
CA LYS A 187 21.20 -9.80 -1.23
C LYS A 187 22.37 -9.16 -0.49
N ARG A 188 22.08 -8.55 0.66
CA ARG A 188 23.14 -7.99 1.48
C ARG A 188 23.90 -9.05 2.25
N ARG A 189 23.20 -10.09 2.75
CA ARG A 189 23.77 -11.05 3.65
C ARG A 189 23.04 -12.38 3.54
N VAL A 190 23.82 -13.47 3.55
CA VAL A 190 23.33 -14.84 3.65
C VAL A 190 24.19 -15.54 4.70
N TYR A 191 23.82 -16.79 5.00
CA TYR A 191 24.41 -17.54 6.11
C TYR A 191 24.85 -18.93 5.63
N LEU A 192 25.91 -19.46 6.25
CA LEU A 192 26.50 -20.71 5.77
C LEU A 192 26.84 -21.61 6.94
N GLY A 193 26.30 -22.83 6.92
CA GLY A 193 26.62 -23.84 7.90
C GLY A 193 27.20 -25.08 7.24
N SER A 194 27.80 -25.93 8.06
CA SER A 194 28.55 -27.09 7.58
C SER A 194 28.33 -28.28 8.49
N SER A 195 28.32 -29.49 7.87
CA SER A 195 28.19 -30.71 8.65
C SER A 195 29.45 -30.98 9.46
N ARG A 196 30.54 -30.34 9.13
CA ARG A 196 31.79 -30.46 9.88
C ARG A 196 31.90 -29.31 10.87
N PRO A 197 32.09 -29.57 12.15
CA PRO A 197 32.20 -28.50 13.12
C PRO A 197 33.40 -27.63 12.84
N ASP A 198 33.28 -26.33 13.03
CA ASP A 198 34.35 -25.41 12.74
C ASP A 198 34.95 -25.61 11.36
N CYS A 199 34.11 -25.65 10.37
CA CYS A 199 34.53 -25.98 9.01
C CYS A 199 35.29 -24.89 8.27
N PRO A 200 36.44 -25.24 7.69
CA PRO A 200 37.23 -24.21 6.99
C PRO A 200 36.73 -23.87 5.61
N ALA A 201 35.86 -24.71 5.03
CA ALA A 201 35.31 -24.41 3.73
C ALA A 201 34.37 -23.23 3.79
N ARG A 202 33.83 -22.91 4.98
CA ARG A 202 32.93 -21.78 5.08
C ARG A 202 33.66 -20.52 4.67
N GLU A 203 34.94 -20.38 5.08
CA GLU A 203 35.67 -19.15 4.75
C GLU A 203 35.92 -19.05 3.24
N THR A 204 36.22 -20.18 2.60
CA THR A 204 36.41 -20.18 1.15
C THR A 204 35.18 -19.64 0.45
N TRP A 205 34.00 -20.15 0.82
CA TRP A 205 32.76 -19.67 0.21
C TRP A 205 32.41 -18.25 0.61
N ARG A 206 32.79 -17.79 1.82
CA ARG A 206 32.65 -16.38 2.14
C ARG A 206 33.36 -15.54 1.09
N ARG A 207 34.60 -15.93 0.78
CA ARG A 207 35.38 -15.18 -0.20
C ARG A 207 34.75 -15.25 -1.58
N VAL A 208 34.31 -16.42 -2.00
CA VAL A 208 33.72 -16.57 -3.34
C VAL A 208 32.55 -15.62 -3.53
N LEU A 209 31.59 -15.60 -2.57
CA LEU A 209 30.40 -14.75 -2.70
C LEU A 209 30.69 -13.28 -2.44
N ALA A 210 31.73 -12.98 -1.66
CA ALA A 210 32.09 -11.58 -1.45
C ALA A 210 32.45 -10.91 -2.76
N GLY A 211 32.97 -11.67 -3.72
CA GLY A 211 33.24 -11.13 -5.05
C GLY A 211 32.05 -10.49 -5.73
N SER A 212 30.83 -10.91 -5.38
CA SER A 212 29.62 -10.26 -5.89
C SER A 212 28.97 -9.34 -4.88
N GLY A 213 29.67 -9.05 -3.78
CA GLY A 213 29.19 -8.05 -2.85
C GLY A 213 28.28 -8.57 -1.76
N VAL A 214 28.14 -9.87 -1.62
CA VAL A 214 27.31 -10.48 -0.58
C VAL A 214 28.18 -10.83 0.59
N GLU A 215 27.71 -10.50 1.80
CA GLU A 215 28.35 -10.93 3.04
C GLU A 215 27.82 -12.31 3.45
N VAL A 216 28.70 -13.30 3.58
CA VAL A 216 28.36 -14.62 4.08
C VAL A 216 28.74 -14.67 5.55
N VAL A 217 27.77 -14.94 6.41
CA VAL A 217 28.00 -15.10 7.83
C VAL A 217 28.07 -16.59 8.18
N PRO A 218 29.21 -17.11 8.61
CA PRO A 218 29.26 -18.51 9.03
C PRO A 218 28.51 -18.71 10.34
N LEU A 219 27.74 -19.79 10.39
CA LEU A 219 27.02 -20.20 11.58
C LEU A 219 27.46 -21.58 12.00
N ALA A 220 27.11 -21.97 13.22
CA ALA A 220 27.78 -23.10 13.85
C ALA A 220 27.25 -24.45 13.43
N THR A 221 26.05 -24.50 12.86
CA THR A 221 25.46 -25.76 12.42
C THR A 221 24.72 -25.51 11.11
N PRO A 222 24.45 -26.57 10.34
CA PRO A 222 23.69 -26.36 9.10
C PRO A 222 22.30 -25.86 9.35
N GLU A 223 21.64 -26.36 10.40
CA GLU A 223 20.25 -26.00 10.62
C GLU A 223 20.11 -24.52 10.97
N ALA A 224 21.11 -23.93 11.64
CA ALA A 224 21.04 -22.48 11.90
C ALA A 224 21.02 -21.71 10.58
N ALA A 225 21.85 -22.11 9.61
CA ALA A 225 21.84 -21.45 8.31
C ALA A 225 20.53 -21.73 7.57
N GLU A 226 20.08 -23.00 7.59
CA GLU A 226 18.83 -23.38 6.91
C GLU A 226 17.64 -22.66 7.47
N GLY A 227 17.69 -22.32 8.77
CA GLY A 227 16.63 -21.53 9.38
C GLY A 227 16.56 -20.10 8.90
N ARG A 228 17.49 -19.69 8.06
CA ARG A 228 17.53 -18.36 7.47
C ARG A 228 17.26 -18.41 5.97
N ASN A 229 16.62 -19.48 5.50
CA ASN A 229 16.16 -19.57 4.11
C ASN A 229 14.95 -18.65 3.88
N VAL A 230 15.15 -17.61 3.08
CA VAL A 230 14.14 -16.56 2.96
C VAL A 230 12.86 -17.09 2.31
N THR A 231 12.98 -17.95 1.29
CA THR A 231 11.78 -18.36 0.57
C THR A 231 10.85 -19.19 1.43
N THR A 232 11.39 -19.96 2.38
CA THR A 232 10.50 -20.70 3.28
C THR A 232 9.58 -19.75 4.04
N TYR A 233 10.10 -18.62 4.53
CA TYR A 233 9.28 -17.69 5.30
C TYR A 233 8.32 -16.89 4.44
N VAL A 234 8.68 -16.62 3.19
CA VAL A 234 7.93 -15.65 2.36
C VAL A 234 7.04 -16.34 1.35
N HIS A 235 7.58 -17.30 0.64
CA HIS A 235 6.80 -17.99 -0.37
C HIS A 235 5.68 -18.82 0.24
N SER A 236 5.93 -19.44 1.40
CA SER A 236 4.91 -20.30 2.01
C SER A 236 3.61 -19.55 2.28
N PRO A 237 3.62 -18.43 3.04
CA PRO A 237 2.34 -17.76 3.35
C PRO A 237 1.76 -17.04 2.14
N PHE A 238 2.60 -16.56 1.20
CA PHE A 238 2.05 -15.77 0.12
C PHE A 238 1.61 -16.61 -1.08
N PHE A 239 2.31 -17.70 -1.39
CA PHE A 239 2.09 -18.39 -2.66
C PHE A 239 1.41 -19.74 -2.48
N LEU A 240 1.12 -20.15 -1.24
CA LEU A 240 0.30 -21.33 -0.99
C LEU A 240 -1.13 -20.97 -0.62
N GLY A 241 -1.48 -19.69 -0.66
CA GLY A 241 -2.82 -19.25 -0.34
C GLY A 241 -3.75 -19.20 -1.55
N GLU A 242 -5.01 -18.82 -1.27
CA GLU A 242 -6.07 -18.94 -2.28
C GLU A 242 -5.79 -18.08 -3.50
N PHE A 243 -5.39 -16.83 -3.28
CA PHE A 243 -5.20 -15.92 -4.40
C PHE A 243 -4.12 -16.42 -5.33
N ALA A 244 -2.96 -16.74 -4.79
CA ALA A 244 -1.87 -17.15 -5.66
C ALA A 244 -2.26 -18.39 -6.45
N LEU A 245 -2.80 -19.39 -5.76
CA LEU A 245 -3.16 -20.65 -6.42
C LEU A 245 -4.19 -20.42 -7.52
N ALA A 246 -5.14 -19.50 -7.31
CA ALA A 246 -6.12 -19.21 -8.35
C ALA A 246 -5.48 -18.62 -9.59
N ARG A 247 -4.47 -17.78 -9.42
CA ARG A 247 -3.76 -17.21 -10.56
CA ARG A 247 -3.77 -17.21 -10.56
C ARG A 247 -2.92 -18.28 -11.24
N ILE A 248 -2.16 -19.03 -10.45
CA ILE A 248 -1.23 -20.01 -11.00
C ILE A 248 -1.95 -21.11 -11.76
N LEU A 249 -3.10 -21.55 -11.27
CA LEU A 249 -3.86 -22.65 -11.87
C LEU A 249 -4.80 -22.17 -12.97
N SER A 250 -4.70 -20.89 -13.36
CA SER A 250 -5.53 -20.26 -14.38
C SER A 250 -4.88 -20.44 -15.74
N GLU A 251 -5.71 -20.58 -16.78
CA GLU A 251 -5.19 -20.41 -18.14
C GLU A 251 -5.69 -19.15 -18.82
N GLN A 252 -6.88 -18.70 -18.48
CA GLN A 252 -7.42 -17.45 -18.99
C GLN A 252 -7.37 -16.40 -17.89
N GLY A 253 -7.40 -15.15 -18.31
CA GLY A 253 -7.44 -14.07 -17.36
C GLY A 253 -6.05 -13.59 -17.03
N PRO A 254 -5.99 -12.55 -16.22
CA PRO A 254 -4.72 -11.92 -15.93
C PRO A 254 -3.93 -12.76 -14.94
N PRO A 255 -2.62 -12.85 -15.12
CA PRO A 255 -1.80 -13.61 -14.15
C PRO A 255 -1.66 -12.94 -12.79
N GLY A 256 -1.84 -11.62 -12.73
CA GLY A 256 -1.59 -10.93 -11.47
C GLY A 256 -0.10 -10.92 -11.16
N PHE A 257 0.20 -10.38 -9.97
CA PHE A 257 1.56 -10.03 -9.60
C PHE A 257 1.91 -10.62 -8.24
N MET A 258 3.15 -11.12 -8.14
CA MET A 258 3.55 -11.92 -6.99
C MET A 258 3.61 -11.12 -5.69
N TYR A 259 4.03 -9.85 -5.75
CA TYR A 259 4.29 -9.09 -4.52
C TYR A 259 3.42 -7.84 -4.41
N LYS A 260 2.29 -7.81 -5.11
CA LYS A 260 1.32 -6.74 -4.94
C LYS A 260 0.25 -7.08 -3.92
N LEU A 261 -0.50 -6.07 -3.50
CA LEU A 261 -1.62 -6.25 -2.60
C LEU A 261 -2.85 -6.72 -3.37
N TYR A 262 -3.74 -7.41 -2.67
CA TYR A 262 -5.03 -7.79 -3.23
C TYR A 262 -5.75 -6.53 -3.70
N PRO A 263 -6.42 -6.55 -4.88
CA PRO A 263 -6.62 -7.69 -5.77
C PRO A 263 -5.62 -7.85 -6.91
N GLU A 264 -4.53 -7.09 -6.91
CA GLU A 264 -3.52 -7.26 -7.95
C GLU A 264 -2.56 -8.42 -7.66
N GLY A 265 -2.38 -8.74 -6.38
CA GLY A 265 -1.48 -9.77 -5.91
C GLY A 265 -2.01 -10.37 -4.62
N PRO A 266 -1.23 -11.28 -4.02
CA PRO A 266 -1.74 -12.09 -2.90
C PRO A 266 -1.60 -11.48 -1.52
N ILE A 267 -0.95 -10.32 -1.39
CA ILE A 267 -0.65 -9.83 -0.05
C ILE A 267 -1.87 -9.18 0.56
N THR A 268 -2.28 -9.71 1.71
CA THR A 268 -3.45 -9.31 2.48
C THR A 268 -3.07 -9.35 3.95
N PRO A 269 -3.85 -8.75 4.84
CA PRO A 269 -3.60 -8.96 6.27
C PRO A 269 -3.64 -10.41 6.69
N GLY A 270 -4.51 -11.22 6.07
CA GLY A 270 -4.52 -12.64 6.38
C GLY A 270 -3.23 -13.34 6.00
N ALA A 271 -2.66 -12.99 4.86
CA ALA A 271 -1.40 -13.59 4.45
C ALA A 271 -0.29 -13.19 5.40
N ILE A 272 -0.29 -11.94 5.85
CA ILE A 272 0.72 -11.47 6.82
C ILE A 272 0.56 -12.18 8.14
N GLY A 273 -0.68 -12.44 8.58
CA GLY A 273 -0.86 -13.21 9.79
C GLY A 273 -0.32 -14.63 9.64
N ALA A 274 -0.57 -15.25 8.49
CA ALA A 274 0.02 -16.55 8.22
C ALA A 274 1.54 -16.47 8.25
N MET A 275 2.13 -15.40 7.72
CA MET A 275 3.58 -15.25 7.73
C MET A 275 4.11 -15.21 9.17
N ARG A 276 3.47 -14.40 10.03
CA ARG A 276 3.89 -14.31 11.41
C ARG A 276 3.75 -15.66 12.11
N ARG A 277 2.59 -16.30 11.98
CA ARG A 277 2.37 -17.55 12.71
C ARG A 277 3.31 -18.65 12.21
N LEU A 278 3.59 -18.69 10.91
CA LEU A 278 4.54 -19.68 10.41
C LEU A 278 5.94 -19.41 10.96
N TRP A 279 6.36 -18.15 11.00
CA TRP A 279 7.65 -17.80 11.58
C TRP A 279 7.75 -18.29 13.02
N CYS A 280 6.69 -18.13 13.81
CA CYS A 280 6.70 -18.66 15.16
C CYS A 280 6.88 -20.17 15.16
N GLU A 281 6.15 -20.87 14.30
CA GLU A 281 6.25 -22.34 14.26
C GLU A 281 7.65 -22.77 13.85
N LEU A 282 8.17 -22.19 12.77
CA LEU A 282 9.52 -22.54 12.33
C LEU A 282 10.56 -22.20 13.40
N SER A 283 10.37 -21.11 14.13
CA SER A 283 11.32 -20.72 15.18
C SER A 283 11.36 -21.77 16.28
N GLU A 284 10.21 -22.32 16.66
CA GLU A 284 10.18 -23.37 17.68
C GLU A 284 10.84 -24.64 17.19
N LEU A 285 10.63 -25.00 15.91
CA LEU A 285 11.33 -26.14 15.35
C LEU A 285 12.84 -25.95 15.42
N LEU A 286 13.31 -24.79 15.00
CA LEU A 286 14.74 -24.50 15.08
C LEU A 286 15.26 -24.67 16.50
N ARG A 287 14.52 -24.17 17.50
CA ARG A 287 15.00 -24.29 18.88
C ARG A 287 15.09 -25.77 19.27
N ARG A 288 14.13 -26.57 18.82
CA ARG A 288 14.19 -28.00 19.14
C ARG A 288 15.30 -28.72 18.40
N MET A 289 15.82 -28.14 17.32
CA MET A 289 16.99 -28.68 16.66
C MET A 289 18.29 -27.98 17.06
N GLY A 290 18.27 -27.20 18.14
CA GLY A 290 19.50 -26.57 18.58
C GLY A 290 19.98 -25.42 17.74
N ALA A 291 19.08 -24.70 17.09
CA ALA A 291 19.44 -23.54 16.32
C ALA A 291 18.70 -22.31 16.85
N GLU A 292 19.38 -21.19 16.73
CA GLU A 292 18.83 -19.91 17.13
C GLU A 292 17.90 -19.34 16.05
N PRO A 293 16.65 -19.05 16.36
CA PRO A 293 15.74 -18.47 15.37
C PRO A 293 16.17 -17.05 15.01
N LEU A 294 15.52 -16.52 13.97
CA LEU A 294 15.81 -15.17 13.49
C LEU A 294 14.72 -14.19 13.87
N ASN A 295 15.06 -12.90 13.79
CA ASN A 295 14.13 -11.77 13.88
C ASN A 295 13.63 -11.52 12.46
N LEU A 296 12.36 -11.90 12.18
CA LEU A 296 11.92 -11.93 10.79
C LEU A 296 12.03 -10.56 10.11
N LEU A 297 11.60 -9.50 10.79
CA LEU A 297 11.60 -8.19 10.15
C LEU A 297 13.03 -7.69 9.89
N ARG A 298 13.93 -7.88 10.85
CA ARG A 298 15.29 -7.43 10.67
C ARG A 298 15.98 -8.24 9.57
N PHE A 299 15.70 -9.54 9.54
CA PHE A 299 16.20 -10.39 8.45
C PHE A 299 15.72 -9.87 7.09
N LEU A 300 14.43 -9.65 6.94
CA LEU A 300 13.94 -9.16 5.66
C LEU A 300 14.58 -7.81 5.30
N ASN A 301 14.62 -6.88 6.25
CA ASN A 301 15.05 -5.51 5.95
C ASN A 301 16.56 -5.43 5.77
N ASP A 302 17.32 -6.01 6.68
CA ASP A 302 18.77 -5.80 6.75
C ASP A 302 19.52 -6.77 5.85
N ASP A 303 19.04 -8.00 5.72
CA ASP A 303 19.79 -9.00 4.97
C ASP A 303 19.34 -9.10 3.52
N ASN A 304 18.09 -8.72 3.23
CA ASN A 304 17.52 -8.92 1.91
C ASN A 304 17.29 -7.60 1.18
N TYR A 305 16.38 -6.73 1.65
CA TYR A 305 16.21 -5.44 0.96
C TYR A 305 15.54 -4.47 1.94
N PRO A 306 16.08 -3.27 2.10
CA PRO A 306 15.60 -2.35 3.15
C PRO A 306 14.54 -1.36 2.68
N VAL A 307 13.94 -0.69 3.67
CA VAL A 307 13.11 0.49 3.46
C VAL A 307 13.62 1.64 4.32
N HIS A 308 13.06 2.83 4.10
CA HIS A 308 13.50 3.98 4.86
C HIS A 308 13.03 3.90 6.33
N GLU A 309 13.78 4.62 7.21
CA GLU A 309 13.40 4.74 8.62
C GLU A 309 11.99 5.30 8.81
N THR A 310 11.54 6.17 7.89
CA THR A 310 10.19 6.72 7.91
C THR A 310 9.12 5.63 7.89
N MET A 311 9.39 4.53 7.23
CA MET A 311 8.44 3.43 7.11
C MET A 311 8.66 2.38 8.18
N LEU A 312 9.91 1.99 8.45
CA LEU A 312 10.24 1.02 9.48
C LEU A 312 11.36 1.61 10.34
N PRO A 313 11.04 2.20 11.48
CA PRO A 313 12.10 2.75 12.35
C PRO A 313 13.04 1.69 12.87
N ARG A 314 14.33 2.04 13.03
CA ARG A 314 15.30 1.06 13.53
C ARG A 314 14.82 0.42 14.84
N ALA A 315 14.25 1.22 15.75
CA ALA A 315 13.83 0.66 17.03
C ALA A 315 12.78 -0.43 16.83
N SER A 316 11.90 -0.27 15.83
CA SER A 316 10.87 -1.26 15.57
C SER A 316 11.46 -2.50 14.93
N ILE A 317 12.47 -2.31 14.06
CA ILE A 317 13.14 -3.44 13.45
C ILE A 317 13.87 -4.26 14.51
N ASP A 318 14.71 -3.60 15.32
CA ASP A 318 15.50 -4.33 16.29
C ASP A 318 14.63 -4.95 17.37
N GLY A 319 13.50 -4.33 17.71
CA GLY A 319 12.61 -4.79 18.74
C GLY A 319 11.52 -5.76 18.32
N PHE A 320 11.50 -6.15 17.05
CA PHE A 320 10.38 -6.88 16.46
C PHE A 320 10.02 -8.14 17.22
N ALA A 321 11.03 -8.91 17.65
CA ALA A 321 10.74 -10.19 18.27
C ALA A 321 10.02 -10.07 19.60
N GLU A 322 10.09 -8.92 20.27
CA GLU A 322 9.41 -8.68 21.54
C GLU A 322 8.17 -7.82 21.40
N ALA A 323 7.81 -7.46 20.17
CA ALA A 323 6.61 -6.68 19.96
C ALA A 323 5.42 -7.62 20.06
N GLY A 324 4.26 -7.08 20.31
CA GLY A 324 3.10 -7.95 20.32
C GLY A 324 2.81 -8.51 18.93
N ALA A 325 1.98 -9.55 18.88
CA ALA A 325 1.56 -10.09 17.59
C ALA A 325 0.92 -9.03 16.69
N GLU A 326 0.09 -8.14 17.24
CA GLU A 326 -0.56 -7.13 16.40
C GLU A 326 0.46 -6.19 15.76
N ARG A 327 1.40 -5.69 16.57
CA ARG A 327 2.45 -4.82 16.08
C ARG A 327 3.32 -5.56 15.06
N GLN A 328 3.62 -6.83 15.31
CA GLN A 328 4.44 -7.59 14.38
C GLN A 328 3.77 -7.69 13.01
N GLU A 329 2.47 -8.00 12.98
CA GLU A 329 1.77 -8.09 11.70
C GLU A 329 1.70 -6.73 11.03
N TYR A 330 1.43 -5.66 11.78
CA TYR A 330 1.42 -4.32 11.21
C TYR A 330 2.76 -4.00 10.54
N LEU A 331 3.87 -4.27 11.24
CA LEU A 331 5.19 -3.96 10.69
C LEU A 331 5.48 -4.77 9.44
N LEU A 332 5.11 -6.05 9.43
CA LEU A 332 5.34 -6.86 8.23
C LEU A 332 4.51 -6.35 7.05
N PHE A 333 3.26 -5.96 7.29
CA PHE A 333 2.45 -5.40 6.23
C PHE A 333 3.06 -4.13 5.67
N VAL A 334 3.49 -3.23 6.56
CA VAL A 334 4.14 -1.99 6.13
C VAL A 334 5.36 -2.32 5.28
N ARG A 335 6.14 -3.32 5.69
CA ARG A 335 7.35 -3.64 4.95
C ARG A 335 7.02 -3.95 3.49
N TYR A 336 6.02 -4.81 3.26
CA TYR A 336 5.68 -5.18 1.89
C TYR A 336 4.97 -4.04 1.16
N ALA A 337 4.14 -3.25 1.85
CA ALA A 337 3.49 -2.11 1.17
C ALA A 337 4.53 -1.06 0.77
N ALA A 338 5.56 -0.87 1.60
CA ALA A 338 6.61 0.09 1.32
C ALA A 338 7.48 -0.32 0.14
N LEU A 339 7.45 -1.59 -0.27
CA LEU A 339 8.25 -2.09 -1.39
C LEU A 339 7.41 -2.37 -2.64
N LEU A 340 6.18 -1.88 -2.69
CA LEU A 340 5.44 -1.97 -3.95
C LEU A 340 6.16 -1.18 -5.04
N VAL A 341 6.81 -0.07 -4.68
CA VAL A 341 7.79 0.58 -5.53
C VAL A 341 9.13 0.51 -4.80
N ASP A 342 10.22 0.70 -5.56
CA ASP A 342 11.55 0.73 -4.97
C ASP A 342 11.80 2.10 -4.35
N PRO A 343 11.81 2.24 -3.03
CA PRO A 343 11.93 3.60 -2.47
C PRO A 343 13.28 4.23 -2.70
N PHE A 344 14.28 3.47 -3.11
CA PHE A 344 15.62 3.99 -3.32
C PHE A 344 15.92 4.26 -4.79
N SER A 345 14.98 3.95 -5.67
CA SER A 345 15.14 4.24 -7.07
C SER A 345 15.00 5.74 -7.29
N PRO A 346 15.55 6.25 -8.40
CA PRO A 346 15.33 7.67 -8.71
C PRO A 346 13.89 7.90 -9.12
N ALA A 347 13.34 9.03 -8.68
CA ALA A 347 11.99 9.39 -9.06
C ALA A 347 11.97 9.97 -10.48
N ASP A 348 10.85 9.78 -11.16
CA ASP A 348 10.63 10.43 -12.45
C ASP A 348 10.12 11.85 -12.22
N GLU A 349 9.69 12.51 -13.30
CA GLU A 349 9.33 13.92 -13.24
C GLU A 349 8.14 14.19 -12.33
N GLN A 350 7.21 13.24 -12.22
CA GLN A 350 6.03 13.44 -11.39
C GLN A 350 6.22 12.92 -9.97
N GLY A 351 7.32 12.21 -9.72
CA GLY A 351 7.62 11.72 -8.40
C GLY A 351 7.38 10.24 -8.24
N ARG A 352 7.18 9.52 -9.33
CA ARG A 352 6.97 8.08 -9.25
C ARG A 352 8.29 7.34 -9.12
N HIS A 353 8.28 6.26 -8.34
CA HIS A 353 9.42 5.39 -8.24
C HIS A 353 9.17 4.09 -9.01
N PHE A 354 10.25 3.35 -9.20
CA PHE A 354 10.20 2.16 -10.04
C PHE A 354 9.28 1.11 -9.45
N ASP A 355 8.48 0.49 -10.30
CA ASP A 355 7.51 -0.49 -9.85
C ASP A 355 8.24 -1.82 -9.70
N PHE A 356 8.71 -2.03 -8.49
CA PHE A 356 9.37 -3.16 -7.97
C PHE A 356 8.55 -4.46 -7.80
N SER A 357 7.27 -4.36 -7.75
CA SER A 357 6.43 -5.46 -7.49
C SER A 357 5.68 -5.91 -8.70
N ALA A 358 6.17 -5.64 -9.87
CA ALA A 358 5.49 -5.97 -11.12
C ALA A 358 5.97 -7.28 -11.73
N VAL A 359 6.46 -8.21 -10.91
CA VAL A 359 6.80 -9.55 -11.37
C VAL A 359 5.53 -10.37 -11.48
N PRO A 360 5.16 -10.84 -12.68
CA PRO A 360 3.90 -11.58 -12.82
C PRO A 360 4.05 -13.01 -12.33
N PHE A 361 2.93 -13.58 -11.91
CA PHE A 361 2.90 -15.01 -11.63
C PHE A 361 3.15 -15.79 -12.92
N ARG A 362 4.04 -16.77 -12.85
CA ARG A 362 4.08 -17.86 -13.81
C ARG A 362 2.91 -18.81 -13.55
N ARG A 363 2.35 -19.38 -14.59
CA ARG A 363 1.18 -20.23 -14.48
C ARG A 363 1.46 -21.62 -15.03
N VAL A 364 0.50 -22.51 -14.76
CA VAL A 364 0.54 -23.88 -15.27
C VAL A 364 0.75 -23.83 -16.79
N SER A 365 1.45 -24.84 -17.30
CA SER A 365 1.71 -24.93 -18.73
C SER A 365 1.85 -26.39 -19.09
N ARG A 366 1.62 -26.69 -20.35
CA ARG A 366 1.70 -28.06 -20.84
C ARG A 366 3.12 -28.35 -21.24
N ASP A 367 3.61 -29.54 -20.89
CA ASP A 367 4.95 -29.95 -21.23
C ASP A 367 4.96 -30.63 -22.61
N GLU A 368 6.09 -31.21 -23.00
CA GLU A 368 6.21 -31.75 -24.35
C GLU A 368 5.51 -33.09 -24.51
N ASP A 369 4.93 -33.63 -23.43
CA ASP A 369 4.03 -34.76 -23.51
C ASP A 369 2.57 -34.34 -23.41
N GLY A 370 2.31 -33.03 -23.44
CA GLY A 370 0.96 -32.51 -23.33
C GLY A 370 0.36 -32.49 -21.93
N LEU A 371 1.17 -32.64 -20.89
CA LEU A 371 0.68 -32.74 -19.52
C LEU A 371 0.90 -31.42 -18.79
N TRP A 372 -0.11 -31.02 -18.01
CA TRP A 372 0.01 -29.83 -17.17
C TRP A 372 1.12 -30.01 -16.15
N ARG A 373 1.97 -28.99 -16.05
CA ARG A 373 2.97 -28.90 -15.02
C ARG A 373 2.81 -27.59 -14.25
N LEU A 374 3.14 -27.63 -12.96
CA LEU A 374 3.16 -26.46 -12.11
C LEU A 374 4.51 -25.76 -12.20
N PRO A 375 4.50 -24.42 -12.10
CA PRO A 375 5.76 -23.71 -11.99
C PRO A 375 6.44 -23.98 -10.65
N ARG A 376 7.73 -23.65 -10.60
CA ARG A 376 8.50 -23.86 -9.37
C ARG A 376 7.86 -23.14 -8.18
N VAL A 377 7.42 -21.90 -8.35
CA VAL A 377 6.47 -21.28 -7.43
C VAL A 377 5.08 -21.71 -7.92
N PRO A 378 4.37 -22.58 -7.19
CA PRO A 378 4.52 -23.02 -5.80
C PRO A 378 4.96 -24.46 -5.57
N LEU A 379 5.25 -25.24 -6.62
CA LEU A 379 5.52 -26.66 -6.40
C LEU A 379 6.70 -26.88 -5.44
N GLU A 380 7.83 -26.19 -5.68
CA GLU A 380 8.99 -26.33 -4.81
C GLU A 380 8.65 -25.86 -3.40
N ASP A 381 7.95 -24.74 -3.31
CA ASP A 381 7.56 -24.20 -2.01
C ASP A 381 6.72 -25.20 -1.22
N TYR A 382 5.77 -25.86 -1.90
CA TYR A 382 4.94 -26.84 -1.22
C TYR A 382 5.79 -28.04 -0.78
N ARG A 383 6.67 -28.53 -1.65
CA ARG A 383 7.42 -29.73 -1.33
C ARG A 383 8.36 -29.48 -0.16
N LYS A 384 8.98 -28.30 -0.12
CA LYS A 384 9.83 -27.96 1.02
C LYS A 384 9.03 -27.92 2.31
N LEU A 385 7.91 -27.20 2.31
CA LEU A 385 7.15 -27.04 3.55
C LEU A 385 6.56 -28.37 3.99
N ALA A 386 6.12 -29.21 3.05
CA ALA A 386 5.59 -30.52 3.42
C ALA A 386 6.65 -31.36 4.12
N LEU A 387 7.90 -31.30 3.66
CA LEU A 387 8.97 -32.05 4.31
C LEU A 387 9.24 -31.48 5.70
N ILE A 388 9.26 -30.15 5.84
CA ILE A 388 9.51 -29.54 7.14
C ILE A 388 8.44 -29.93 8.15
N VAL A 389 7.18 -29.95 7.74
CA VAL A 389 6.10 -30.33 8.63
C VAL A 389 6.24 -31.79 9.05
N ALA A 390 6.56 -32.68 8.11
CA ALA A 390 6.77 -34.09 8.44
C ALA A 390 7.94 -34.27 9.40
N LEU A 391 9.03 -33.51 9.20
CA LEU A 391 10.14 -33.54 10.14
C LEU A 391 9.72 -33.05 11.50
N ALA A 392 8.95 -31.95 11.55
CA ALA A 392 8.59 -31.37 12.84
C ALA A 392 7.76 -32.31 13.67
N ALA A 393 7.00 -33.20 13.04
CA ALA A 393 6.25 -34.22 13.78
C ALA A 393 7.17 -35.05 14.67
N HIS A 394 8.38 -35.33 14.23
CA HIS A 394 9.32 -36.11 15.04
C HIS A 394 9.76 -35.34 16.29
N PHE A 395 9.63 -34.01 16.29
CA PHE A 395 9.90 -33.17 17.45
C PHE A 395 8.61 -32.81 18.20
N ASP A 396 7.53 -33.52 17.94
CA ASP A 396 6.23 -33.32 18.61
C ASP A 396 5.69 -31.91 18.42
N LEU A 397 5.88 -31.36 17.24
CA LEU A 397 5.37 -30.06 16.84
C LEU A 397 4.35 -30.23 15.73
N ALA A 398 3.13 -29.83 15.99
CA ALA A 398 2.04 -29.91 15.04
C ALA A 398 2.07 -28.94 13.85
N MET A 399 2.58 -27.75 14.04
CA MET A 399 2.69 -26.78 12.97
C MET A 399 1.35 -26.50 12.25
N PRO A 400 0.32 -26.11 13.00
CA PRO A 400 -0.99 -25.90 12.38
C PRO A 400 -1.04 -24.87 11.28
N GLN A 401 -0.35 -23.76 11.42
CA GLN A 401 -0.36 -22.78 10.33
C GLN A 401 0.25 -23.36 9.07
N ALA A 402 1.39 -24.04 9.21
CA ALA A 402 2.00 -24.69 8.06
C ALA A 402 1.05 -25.69 7.45
N ARG A 403 0.40 -26.51 8.27
CA ARG A 403 -0.54 -27.49 7.75
C ARG A 403 -1.71 -26.84 7.03
N SER A 404 -2.16 -25.67 7.50
CA SER A 404 -3.22 -24.94 6.81
C SER A 404 -2.79 -24.51 5.43
N LEU A 405 -1.54 -24.04 5.30
CA LEU A 405 -1.01 -23.68 3.98
C LEU A 405 -0.87 -24.89 3.08
N LEU A 406 -0.37 -26.01 3.61
CA LEU A 406 -0.32 -27.23 2.80
C LEU A 406 -1.71 -27.62 2.29
N ALA A 407 -2.71 -27.57 3.18
CA ALA A 407 -4.07 -27.94 2.81
C ALA A 407 -4.64 -27.03 1.74
N SER A 408 -4.33 -25.73 1.81
CA SER A 408 -4.79 -24.77 0.82
C SER A 408 -4.25 -25.15 -0.56
N TYR A 409 -2.96 -25.44 -0.64
CA TYR A 409 -2.36 -25.91 -1.88
C TYR A 409 -3.01 -27.21 -2.35
N GLU A 410 -3.11 -28.19 -1.44
CA GLU A 410 -3.59 -29.51 -1.83
C GLU A 410 -5.01 -29.42 -2.37
N ASN A 411 -5.86 -28.62 -1.73
CA ASN A 411 -7.25 -28.49 -2.15
C ASN A 411 -7.34 -27.79 -3.50
N ALA A 412 -6.53 -26.74 -3.71
CA ALA A 412 -6.57 -26.03 -4.98
C ALA A 412 -6.07 -26.90 -6.11
N VAL A 413 -4.96 -27.62 -5.91
CA VAL A 413 -4.45 -28.47 -6.98
C VAL A 413 -5.40 -29.62 -7.25
N SER A 414 -5.99 -30.17 -6.19
CA SER A 414 -6.99 -31.22 -6.38
C SER A 414 -8.17 -30.76 -7.24
N ARG A 415 -8.66 -29.54 -7.02
CA ARG A 415 -9.76 -29.02 -7.82
C ARG A 415 -9.31 -28.85 -9.28
N PHE A 416 -8.06 -28.43 -9.48
CA PHE A 416 -7.56 -28.29 -10.84
C PHE A 416 -7.54 -29.63 -11.54
N ILE A 417 -7.07 -30.68 -10.85
CA ILE A 417 -7.08 -32.01 -11.45
C ILE A 417 -8.51 -32.44 -11.75
N ASP A 418 -9.43 -32.20 -10.82
CA ASP A 418 -10.86 -32.50 -11.06
C ASP A 418 -11.34 -31.88 -12.37
N CYS A 419 -11.01 -30.60 -12.58
CA CYS A 419 -11.53 -29.85 -13.73
CA CYS A 419 -11.52 -29.85 -13.72
C CYS A 419 -10.84 -30.24 -15.03
N GLN A 420 -9.51 -30.38 -15.02
CA GLN A 420 -8.77 -30.64 -16.24
C GLN A 420 -8.76 -32.11 -16.62
N GLY A 421 -8.82 -33.00 -15.63
CA GLY A 421 -8.73 -34.42 -15.85
C GLY A 421 -7.37 -34.95 -15.48
N ALA A 422 -7.35 -35.99 -14.66
CA ALA A 422 -6.09 -36.60 -14.26
C ALA A 422 -5.26 -37.02 -15.45
N SER A 423 -5.94 -37.45 -16.53
CA SER A 423 -5.28 -37.86 -17.76
C SER A 423 -4.35 -36.77 -18.29
N GLN A 424 -4.67 -35.50 -18.04
CA GLN A 424 -3.98 -34.36 -18.61
C GLN A 424 -2.94 -33.76 -17.69
N CYS A 425 -2.72 -34.35 -16.52
CA CYS A 425 -1.89 -33.72 -15.50
C CYS A 425 -0.63 -34.54 -15.24
N HIS A 426 0.51 -33.86 -15.12
CA HIS A 426 1.75 -34.54 -14.79
C HIS A 426 1.71 -35.08 -13.36
N PRO A 427 2.33 -36.23 -13.10
CA PRO A 427 2.19 -36.86 -11.76
C PRO A 427 2.78 -36.03 -10.62
N SER A 428 3.60 -35.02 -10.93
CA SER A 428 4.06 -34.12 -9.88
C SER A 428 2.93 -33.34 -9.24
N LEU A 429 1.77 -33.28 -9.87
CA LEU A 429 0.62 -32.63 -9.28
C LEU A 429 -0.09 -33.51 -8.26
N TYR A 430 0.25 -34.79 -8.19
CA TYR A 430 -0.51 -35.75 -7.40
C TYR A 430 0.00 -35.75 -5.98
N PRO A 431 -0.75 -36.36 -5.07
CA PRO A 431 -0.33 -36.39 -3.66
C PRO A 431 1.02 -37.07 -3.50
N ILE A 432 1.81 -36.53 -2.58
CA ILE A 432 3.11 -37.07 -2.22
C ILE A 432 3.10 -37.49 -0.76
N ASP A 433 4.14 -38.25 -0.39
CA ASP A 433 4.37 -38.70 0.97
C ASP A 433 5.75 -38.23 1.41
N SER A 434 5.79 -37.26 2.32
CA SER A 434 7.06 -36.76 2.82
C SER A 434 7.57 -37.53 4.02
N ARG A 435 6.82 -38.51 4.51
CA ARG A 435 7.19 -39.16 5.77
C ARG A 435 8.48 -39.97 5.63
N PRO A 436 8.72 -40.71 4.54
CA PRO A 436 10.01 -41.41 4.42
C PRO A 436 11.22 -40.50 4.52
N ALA A 437 11.23 -39.37 3.81
CA ALA A 437 12.37 -38.46 3.85
C ALA A 437 12.52 -37.84 5.25
N ALA A 438 11.40 -37.49 5.88
CA ALA A 438 11.46 -36.93 7.23
C ALA A 438 12.03 -37.94 8.22
N ASP A 439 11.67 -39.22 8.05
CA ASP A 439 12.24 -40.25 8.91
C ASP A 439 13.74 -40.39 8.67
N ALA A 440 14.19 -40.31 7.42
CA ALA A 440 15.63 -40.39 7.17
C ALA A 440 16.36 -39.23 7.83
N ILE A 441 15.76 -38.03 7.76
CA ILE A 441 16.36 -36.85 8.35
C ILE A 441 16.49 -37.05 9.85
N TYR A 442 15.40 -37.48 10.49
CA TYR A 442 15.40 -37.60 11.94
C TYR A 442 16.40 -38.67 12.40
N ARG A 443 16.51 -39.77 11.65
CA ARG A 443 17.49 -40.79 12.00
C ARG A 443 18.90 -40.25 11.87
N GLN A 444 19.18 -39.51 10.80
CA GLN A 444 20.49 -38.90 10.64
C GLN A 444 20.77 -37.93 11.79
N TRP A 445 19.77 -37.16 12.15
CA TRP A 445 19.85 -36.25 13.28
C TRP A 445 20.25 -36.99 14.56
N CYS A 446 19.60 -38.10 14.82
CA CYS A 446 19.82 -38.77 16.10
C CYS A 446 21.12 -39.57 16.12
N SER A 447 21.76 -39.78 14.98
CA SER A 447 22.96 -40.60 14.90
C SER A 447 24.19 -39.91 15.49
N SER B 23 -42.50 26.11 1.08
CA SER B 23 -41.78 25.95 2.33
C SER B 23 -40.32 26.43 2.19
N LEU B 24 -39.79 26.41 0.98
CA LEU B 24 -38.50 27.06 0.72
C LEU B 24 -38.68 28.55 0.46
N GLY B 25 -39.80 28.91 -0.15
CA GLY B 25 -40.02 30.29 -0.52
C GLY B 25 -38.99 30.79 -1.51
N ASN B 26 -38.70 32.08 -1.44
CA ASN B 26 -37.68 32.67 -2.30
C ASN B 26 -36.32 32.38 -1.68
N VAL B 27 -35.38 31.91 -2.50
CA VAL B 27 -34.10 31.41 -2.02
C VAL B 27 -32.99 32.30 -2.55
N LEU B 28 -32.13 32.79 -1.64
CA LEU B 28 -30.93 33.52 -1.99
C LEU B 28 -29.71 32.65 -1.83
N LEU B 29 -29.00 32.43 -2.92
CA LEU B 29 -27.72 31.72 -2.93
C LEU B 29 -26.61 32.73 -2.69
N VAL B 30 -25.88 32.57 -1.59
CA VAL B 30 -24.78 33.48 -1.25
C VAL B 30 -23.49 32.79 -1.68
N GLY B 31 -22.82 33.39 -2.67
CA GLY B 31 -21.64 32.80 -3.25
C GLY B 31 -22.02 32.01 -4.47
N LEU B 32 -22.09 32.68 -5.64
CA LEU B 32 -22.60 32.05 -6.87
C LEU B 32 -21.44 31.41 -7.63
N GLY B 33 -21.04 30.24 -7.14
CA GLY B 33 -20.02 29.42 -7.78
C GLY B 33 -20.53 28.03 -8.13
N ALA B 34 -19.61 27.06 -8.18
CA ALA B 34 -19.95 25.70 -8.60
C ALA B 34 -21.03 25.08 -7.70
N VAL B 35 -20.79 25.11 -6.39
CA VAL B 35 -21.77 24.56 -5.44
C VAL B 35 -23.14 25.19 -5.64
N ALA B 36 -23.20 26.52 -5.74
CA ALA B 36 -24.47 27.20 -5.89
C ALA B 36 -25.22 26.75 -7.14
N ILE B 37 -24.52 26.44 -8.23
CA ILE B 37 -25.22 26.08 -9.46
C ILE B 37 -25.85 24.71 -9.34
N GLN B 38 -25.14 23.76 -8.73
CA GLN B 38 -25.74 22.47 -8.41
C GLN B 38 -26.94 22.63 -7.47
N VAL B 39 -26.79 23.42 -6.41
CA VAL B 39 -27.90 23.59 -5.48
C VAL B 39 -29.12 24.22 -6.17
N ALA B 40 -28.89 25.22 -7.04
CA ALA B 40 -29.99 25.88 -7.72
C ALA B 40 -30.82 24.88 -8.52
N LEU B 41 -30.15 23.95 -9.22
CA LEU B 41 -30.90 23.00 -10.05
C LEU B 41 -31.65 22.01 -9.16
N ASP B 42 -31.04 21.58 -8.05
CA ASP B 42 -31.75 20.72 -7.12
C ASP B 42 -32.95 21.43 -6.51
N LEU B 43 -32.81 22.72 -6.18
CA LEU B 43 -33.94 23.49 -5.70
C LEU B 43 -35.06 23.60 -6.74
N ARG B 44 -34.70 23.79 -8.00
CA ARG B 44 -35.72 23.93 -9.03
C ARG B 44 -36.44 22.61 -9.26
N ARG B 45 -35.71 21.49 -9.22
CA ARG B 45 -36.36 20.17 -9.32
C ARG B 45 -37.40 20.00 -8.22
N HIS B 46 -37.08 20.40 -6.99
CA HIS B 46 -37.99 20.24 -5.88
C HIS B 46 -39.18 21.19 -6.00
N GLY B 47 -38.90 22.47 -6.23
CA GLY B 47 -39.93 23.47 -6.25
C GLY B 47 -39.62 24.58 -5.27
N ALA B 48 -39.37 25.78 -5.78
CA ALA B 48 -39.07 26.92 -4.93
C ALA B 48 -39.66 28.16 -5.59
N GLY B 49 -39.53 29.29 -4.90
CA GLY B 49 -39.99 30.55 -5.45
C GLY B 49 -38.93 31.19 -6.30
N ARG B 50 -38.79 32.51 -6.14
CA ARG B 50 -37.75 33.24 -6.83
C ARG B 50 -36.39 32.76 -6.41
N LEU B 51 -35.45 32.83 -7.35
CA LEU B 51 -34.07 32.45 -7.08
C LEU B 51 -33.19 33.67 -7.26
N GLY B 52 -32.46 34.04 -6.20
CA GLY B 52 -31.55 35.17 -6.24
C GLY B 52 -30.15 34.71 -5.88
N ALA B 53 -29.17 35.56 -6.16
CA ALA B 53 -27.82 35.28 -5.73
C ALA B 53 -27.13 36.56 -5.32
N LEU B 54 -26.20 36.40 -4.37
CA LEU B 54 -25.31 37.45 -3.87
C LEU B 54 -23.89 36.94 -4.05
N ASN B 55 -23.09 37.66 -4.85
CA ASN B 55 -21.70 37.33 -5.05
C ASN B 55 -20.90 38.61 -4.84
N HIS B 56 -19.90 38.56 -3.97
CA HIS B 56 -19.19 39.80 -3.60
C HIS B 56 -18.41 40.35 -4.80
N PRO B 57 -18.11 41.64 -4.77
CA PRO B 57 -17.43 42.26 -5.92
C PRO B 57 -16.12 41.58 -6.27
N GLY B 58 -15.79 41.62 -7.55
CA GLY B 58 -14.63 40.93 -8.07
C GLY B 58 -14.81 40.64 -9.54
N ARG B 59 -13.75 40.05 -10.13
CA ARG B 59 -13.79 39.72 -11.56
C ARG B 59 -14.88 38.71 -11.87
N ARG B 60 -15.09 37.73 -11.00
CA ARG B 60 -16.15 36.76 -11.27
C ARG B 60 -17.51 37.44 -11.33
N SER B 61 -17.80 38.33 -10.37
CA SER B 61 -19.06 39.06 -10.41
C SER B 61 -19.20 39.91 -11.66
N GLN B 62 -18.11 40.53 -12.11
CA GLN B 62 -18.18 41.28 -13.36
C GLN B 62 -18.56 40.37 -14.53
N ARG B 63 -17.97 39.18 -14.61
CA ARG B 63 -18.28 38.26 -15.69
C ARG B 63 -19.72 37.75 -15.59
N ILE B 64 -20.17 37.48 -14.36
CA ILE B 64 -21.56 37.05 -14.17
C ILE B 64 -22.52 38.13 -14.64
N ALA B 65 -22.27 39.39 -14.24
CA ALA B 65 -23.17 40.47 -14.60
C ALA B 65 -23.26 40.64 -16.11
N GLU B 66 -22.13 40.55 -16.80
CA GLU B 66 -22.16 40.64 -18.25
C GLU B 66 -22.88 39.44 -18.86
N ALA B 67 -22.62 38.25 -18.33
CA ALA B 67 -23.27 37.06 -18.87
C ALA B 67 -24.78 37.14 -18.69
N LEU B 68 -25.23 37.54 -17.51
CA LEU B 68 -26.66 37.72 -17.30
C LEU B 68 -27.23 38.77 -18.25
N ALA B 69 -26.49 39.86 -18.49
CA ALA B 69 -26.97 40.89 -19.41
C ALA B 69 -27.17 40.35 -20.81
N ARG B 70 -26.35 39.38 -21.21
CA ARG B 70 -26.41 38.76 -22.53
C ARG B 70 -27.32 37.54 -22.56
N GLY B 71 -28.14 37.34 -21.54
CA GLY B 71 -29.17 36.32 -21.54
C GLY B 71 -28.82 35.01 -20.86
N ALA B 72 -27.70 34.94 -20.15
CA ALA B 72 -27.26 33.66 -19.61
C ALA B 72 -28.16 33.20 -18.47
N CYS B 73 -28.14 31.89 -18.25
CA CYS B 73 -28.83 31.26 -17.14
C CYS B 73 -27.84 30.33 -16.45
N LEU B 74 -28.25 29.81 -15.30
CA LEU B 74 -27.45 28.83 -14.60
C LEU B 74 -27.57 27.51 -15.34
N GLN B 75 -26.43 26.90 -15.64
CA GLN B 75 -26.38 25.71 -16.49
C GLN B 75 -25.60 24.62 -15.78
N LEU B 76 -26.26 23.51 -15.49
CA LEU B 76 -25.61 22.37 -14.86
C LEU B 76 -25.52 21.24 -15.87
N GLU B 77 -24.34 20.67 -15.99
CA GLU B 77 -24.13 19.47 -16.79
C GLU B 77 -23.70 18.36 -15.86
N GLY B 78 -24.37 17.21 -15.98
CA GLY B 78 -23.98 16.00 -15.28
C GLY B 78 -23.11 15.16 -16.21
N GLN B 79 -22.05 14.60 -15.65
CA GLN B 79 -21.08 13.85 -16.42
C GLN B 79 -21.36 12.35 -16.35
N GLY B 80 -21.44 11.73 -17.53
CA GLY B 80 -21.57 10.28 -17.62
C GLY B 80 -22.89 9.79 -17.07
N GLN B 81 -22.80 8.97 -16.01
CA GLN B 81 -24.00 8.42 -15.38
C GLN B 81 -24.85 9.49 -14.73
N HIS B 82 -24.28 10.65 -14.44
CA HIS B 82 -25.03 11.77 -13.86
C HIS B 82 -25.57 12.70 -14.94
N ARG B 83 -25.57 12.28 -16.20
CA ARG B 83 -26.08 13.11 -17.28
C ARG B 83 -27.46 13.65 -16.96
N TRP B 84 -28.28 12.84 -16.28
CA TRP B 84 -29.66 13.19 -15.93
C TRP B 84 -29.77 14.35 -14.96
N LEU B 85 -28.67 14.75 -14.30
CA LEU B 85 -28.70 15.95 -13.49
C LEU B 85 -28.67 17.23 -14.32
N SER B 86 -28.43 17.14 -15.62
CA SER B 86 -28.21 18.34 -16.43
C SER B 86 -29.48 19.15 -16.52
N GLY B 87 -29.34 20.47 -16.47
CA GLY B 87 -30.50 21.34 -16.59
C GLY B 87 -30.10 22.80 -16.52
N ASN B 88 -31.09 23.65 -16.81
CA ASN B 88 -30.93 25.11 -16.79
C ASN B 88 -31.90 25.72 -15.79
N ALA B 89 -31.47 26.82 -15.18
CA ALA B 89 -32.31 27.56 -14.24
C ALA B 89 -32.07 29.05 -14.42
N ALA B 90 -33.15 29.82 -14.52
CA ALA B 90 -33.03 31.26 -14.61
C ALA B 90 -32.67 31.84 -13.26
N LEU B 91 -31.87 32.89 -13.26
CA LEU B 91 -31.59 33.66 -12.07
C LEU B 91 -32.48 34.90 -12.08
N ASP B 92 -33.32 35.03 -11.05
CA ASP B 92 -34.27 36.14 -11.01
C ASP B 92 -33.64 37.45 -10.53
N VAL B 93 -32.65 37.38 -9.65
CA VAL B 93 -32.06 38.55 -9.01
C VAL B 93 -30.57 38.28 -8.81
N PHE B 94 -29.73 39.28 -9.14
CA PHE B 94 -28.31 39.19 -8.85
C PHE B 94 -27.82 40.45 -8.15
N HIS B 95 -27.16 40.25 -7.02
CA HIS B 95 -26.62 41.32 -6.20
C HIS B 95 -25.14 41.08 -5.93
N GLN B 96 -24.39 42.17 -5.76
CA GLN B 96 -23.04 42.10 -5.24
C GLN B 96 -22.90 42.70 -3.85
N ASP B 97 -23.82 43.60 -3.48
CA ASP B 97 -23.75 44.41 -2.28
C ASP B 97 -24.80 43.96 -1.28
N PRO B 98 -24.41 43.42 -0.11
CA PRO B 98 -25.44 42.93 0.82
C PRO B 98 -26.41 44.00 1.25
N ALA B 99 -25.98 45.27 1.30
CA ALA B 99 -26.88 46.33 1.71
C ALA B 99 -28.04 46.55 0.75
N GLU B 100 -27.93 46.04 -0.47
CA GLU B 100 -28.97 46.21 -1.47
C GLU B 100 -30.07 45.15 -1.37
N LEU B 101 -29.96 44.19 -0.45
CA LEU B 101 -30.97 43.15 -0.34
C LEU B 101 -32.28 43.68 0.21
N ARG B 102 -33.37 43.36 -0.47
CA ARG B 102 -34.70 43.55 0.07
C ARG B 102 -35.09 42.37 0.95
N ASP B 103 -36.09 42.61 1.80
CA ASP B 103 -36.59 41.61 2.74
C ASP B 103 -37.56 40.67 2.01
N ASP B 104 -37.05 40.02 0.96
CA ASP B 104 -37.85 39.23 0.06
C ASP B 104 -37.42 37.76 0.05
N TRP B 105 -36.62 37.33 1.01
CA TRP B 105 -35.96 36.02 1.00
C TRP B 105 -36.33 35.23 2.23
N GLN B 106 -36.85 34.02 2.00
CA GLN B 106 -37.20 33.14 3.10
C GLN B 106 -36.04 32.21 3.46
N THR B 107 -35.20 31.88 2.50
CA THR B 107 -34.13 30.90 2.69
C THR B 107 -32.84 31.45 2.11
N LEU B 108 -31.76 31.40 2.90
CA LEU B 108 -30.42 31.71 2.43
C LEU B 108 -29.58 30.44 2.43
N VAL B 109 -28.81 30.24 1.37
CA VAL B 109 -27.89 29.11 1.29
C VAL B 109 -26.47 29.66 1.12
N LEU B 110 -25.60 29.34 2.06
CA LEU B 110 -24.22 29.84 2.02
C LEU B 110 -23.35 28.85 1.26
N CYS B 111 -22.95 29.23 0.04
CA CYS B 111 -22.17 28.43 -0.89
C CYS B 111 -20.76 29.01 -1.05
N VAL B 112 -20.31 29.79 -0.07
CA VAL B 112 -18.98 30.38 -0.07
C VAL B 112 -18.05 29.45 0.70
N PRO B 113 -16.73 29.67 0.66
CA PRO B 113 -15.85 28.89 1.55
C PRO B 113 -16.27 29.04 3.00
N ALA B 114 -16.17 27.94 3.75
CA ALA B 114 -16.64 27.97 5.13
C ALA B 114 -15.89 28.98 5.99
N ASP B 115 -14.61 29.27 5.67
CA ASP B 115 -13.90 30.28 6.44
C ASP B 115 -14.53 31.66 6.31
N SER B 116 -15.34 31.86 5.26
CA SER B 116 -16.01 33.13 5.06
C SER B 116 -17.42 33.20 5.66
N TYR B 117 -17.92 32.13 6.28
CA TYR B 117 -19.29 32.16 6.77
C TYR B 117 -19.52 33.31 7.77
N LEU B 118 -18.60 33.48 8.72
CA LEU B 118 -18.77 34.52 9.73
C LEU B 118 -18.81 35.91 9.09
N ASP B 119 -17.84 36.19 8.20
CA ASP B 119 -17.82 37.46 7.48
C ASP B 119 -19.12 37.69 6.71
N VAL B 120 -19.62 36.65 6.04
CA VAL B 120 -20.83 36.83 5.23
C VAL B 120 -22.00 37.19 6.13
N VAL B 121 -22.14 36.46 7.24
CA VAL B 121 -23.27 36.68 8.13
C VAL B 121 -23.17 38.05 8.79
N ARG B 122 -21.96 38.46 9.19
CA ARG B 122 -21.80 39.78 9.81
C ARG B 122 -22.12 40.90 8.82
N GLY B 123 -21.97 40.65 7.54
CA GLY B 123 -22.18 41.66 6.53
C GLY B 123 -23.61 41.88 6.09
N LEU B 124 -24.50 40.96 6.39
CA LEU B 124 -25.88 41.05 5.95
C LEU B 124 -26.68 41.98 6.85
N PRO B 125 -27.63 42.73 6.28
CA PRO B 125 -28.44 43.69 7.09
C PRO B 125 -29.61 43.00 7.79
N TRP B 126 -29.27 42.18 8.79
CA TRP B 126 -30.26 41.29 9.40
C TRP B 126 -31.43 42.05 10.03
N GLU B 127 -31.20 43.28 10.49
CA GLU B 127 -32.29 44.04 11.09
C GLU B 127 -33.41 44.36 10.08
N ARG B 128 -33.15 44.26 8.78
CA ARG B 128 -34.17 44.41 7.76
C ARG B 128 -34.25 43.18 6.85
N LEU B 129 -33.94 42.02 7.41
CA LEU B 129 -34.13 40.72 6.75
C LEU B 129 -34.95 39.82 7.65
N GLY B 130 -35.97 40.40 8.28
CA GLY B 130 -36.82 39.64 9.19
C GLY B 130 -37.55 38.48 8.57
N GLY B 131 -37.69 38.46 7.24
CA GLY B 131 -38.36 37.38 6.55
C GLY B 131 -37.54 36.11 6.40
N VAL B 132 -36.24 36.17 6.65
CA VAL B 132 -35.41 34.97 6.53
C VAL B 132 -35.78 33.99 7.63
N ARG B 133 -36.15 32.79 7.22
CA ARG B 133 -36.54 31.74 8.15
C ARG B 133 -35.47 30.67 8.31
N THR B 134 -34.68 30.44 7.26
CA THR B 134 -33.71 29.36 7.22
C THR B 134 -32.39 29.83 6.59
N LEU B 135 -31.28 29.42 7.20
CA LEU B 135 -29.94 29.67 6.68
C LEU B 135 -29.21 28.33 6.63
N LEU B 136 -28.82 27.89 5.43
CA LEU B 136 -28.16 26.59 5.27
C LEU B 136 -26.67 26.78 5.01
N LEU B 137 -25.86 26.09 5.81
CA LEU B 137 -24.40 26.06 5.68
C LEU B 137 -24.03 24.77 4.97
N VAL B 138 -23.55 24.87 3.74
CA VAL B 138 -23.33 23.67 2.93
C VAL B 138 -22.12 22.87 3.36
N SER B 139 -21.08 23.50 3.89
CA SER B 139 -19.92 22.76 4.38
C SER B 139 -19.56 23.21 5.78
N ALA B 140 -20.30 22.71 6.77
CA ALA B 140 -20.21 23.22 8.13
C ALA B 140 -19.12 22.48 8.92
N PHE B 141 -18.15 23.24 9.43
CA PHE B 141 -17.14 22.74 10.35
C PHE B 141 -17.71 22.73 11.77
N ILE B 142 -17.01 22.04 12.69
CA ILE B 142 -17.42 21.95 14.08
C ILE B 142 -17.49 23.35 14.66
N GLY B 143 -18.67 23.75 15.14
CA GLY B 143 -18.88 25.08 15.68
C GLY B 143 -19.44 26.08 14.71
N ALA B 144 -19.57 25.73 13.43
CA ALA B 144 -20.03 26.71 12.44
C ALA B 144 -21.44 27.21 12.74
N ASN B 145 -22.37 26.31 13.07
CA ASN B 145 -23.73 26.70 13.41
C ASN B 145 -23.75 27.70 14.55
N LEU B 146 -23.01 27.41 15.63
CA LEU B 146 -22.91 28.32 16.77
C LEU B 146 -22.26 29.65 16.39
N LEU B 147 -21.23 29.61 15.55
CA LEU B 147 -20.54 30.84 15.14
C LEU B 147 -21.47 31.74 14.36
N VAL B 148 -22.20 31.17 13.41
CA VAL B 148 -23.16 31.94 12.62
C VAL B 148 -24.21 32.56 13.52
N ARG B 149 -24.74 31.78 14.45
CA ARG B 149 -25.77 32.28 15.34
C ARG B 149 -25.25 33.37 16.25
N SER B 150 -23.97 33.33 16.61
CA SER B 150 -23.44 34.38 17.47
C SER B 150 -23.43 35.74 16.78
N ALA B 151 -23.46 35.76 15.45
CA ALA B 151 -23.45 37.00 14.68
C ALA B 151 -24.83 37.53 14.39
N LEU B 152 -25.88 36.78 14.70
CA LEU B 152 -27.24 37.22 14.40
C LEU B 152 -27.74 38.19 15.48
N PRO B 153 -28.63 39.11 15.13
CA PRO B 153 -29.19 40.02 16.16
C PRO B 153 -30.13 39.30 17.11
N ALA B 154 -30.28 39.90 18.31
CA ALA B 154 -30.85 39.17 19.44
C ALA B 154 -32.22 38.57 19.12
N GLY B 155 -33.09 39.34 18.48
CA GLY B 155 -34.40 38.81 18.15
C GLY B 155 -34.48 37.89 16.95
N CYS B 156 -33.37 37.68 16.25
CA CYS B 156 -33.41 36.96 14.96
C CYS B 156 -34.00 35.58 15.13
N GLN B 157 -34.96 35.23 14.29
CA GLN B 157 -35.62 33.93 14.40
C GLN B 157 -35.25 32.97 13.27
N ALA B 158 -34.20 33.27 12.50
CA ALA B 158 -33.74 32.33 11.48
C ALA B 158 -33.22 31.05 12.13
N THR B 159 -33.61 29.92 11.56
CA THR B 159 -33.04 28.61 11.90
C THR B 159 -31.79 28.40 11.07
N VAL B 160 -30.75 27.86 11.69
CA VAL B 160 -29.48 27.62 10.98
C VAL B 160 -29.31 26.11 10.84
N LEU B 161 -29.12 25.65 9.58
CA LEU B 161 -28.89 24.24 9.25
C LEU B 161 -27.42 24.02 8.92
N SER B 162 -26.85 22.92 9.42
CA SER B 162 -25.47 22.51 9.12
C SER B 162 -25.46 21.22 8.31
N LEU B 163 -24.96 21.29 7.08
CA LEU B 163 -24.72 20.11 6.28
C LEU B 163 -23.27 19.68 6.53
N SER B 164 -23.06 18.36 6.63
CA SER B 164 -21.74 17.86 7.00
C SER B 164 -20.67 18.19 5.96
N SER B 165 -21.03 18.19 4.69
CA SER B 165 -20.11 18.48 3.59
C SER B 165 -20.96 18.69 2.33
N TYR B 166 -20.37 19.36 1.35
CA TYR B 166 -20.97 19.41 0.04
C TYR B 166 -21.13 17.98 -0.47
N TYR B 167 -22.19 17.75 -1.23
CA TYR B 167 -22.67 16.41 -1.55
C TYR B 167 -22.29 15.96 -2.94
N ALA B 168 -21.43 16.69 -3.63
CA ALA B 168 -21.03 16.33 -4.98
C ALA B 168 -19.60 16.81 -5.22
N ALA B 169 -19.16 16.65 -6.48
CA ALA B 169 -17.91 17.22 -6.97
C ALA B 169 -18.29 18.00 -8.21
N THR B 170 -18.10 19.32 -8.18
CA THR B 170 -18.65 20.24 -9.17
C THR B 170 -17.64 21.34 -9.42
N LYS B 171 -17.49 21.74 -10.68
CA LYS B 171 -16.60 22.84 -10.99
C LYS B 171 -17.14 23.64 -12.16
N VAL B 172 -16.81 24.93 -12.15
CA VAL B 172 -17.10 25.79 -13.31
C VAL B 172 -16.04 25.48 -14.36
N ILE B 173 -16.50 24.97 -15.50
CA ILE B 173 -15.59 24.49 -16.54
C ILE B 173 -14.66 25.62 -16.97
N ASP B 174 -15.24 26.66 -17.49
CA ASP B 174 -14.48 27.76 -17.99
C ASP B 174 -14.99 29.09 -17.48
N GLU B 175 -14.15 29.94 -16.93
CA GLU B 175 -14.67 31.22 -16.44
C GLU B 175 -15.29 32.20 -17.48
N THR B 176 -15.02 32.06 -18.78
CA THR B 176 -15.64 32.82 -19.80
C THR B 176 -17.11 32.46 -19.96
N GLN B 177 -17.52 31.27 -19.48
CA GLN B 177 -18.94 30.93 -19.37
C GLN B 177 -19.20 30.73 -17.88
N PRO B 178 -19.33 31.81 -17.11
CA PRO B 178 -19.14 31.71 -15.66
C PRO B 178 -20.26 30.95 -14.93
N LEU B 179 -21.43 30.80 -15.54
CA LEU B 179 -22.57 30.19 -14.87
C LEU B 179 -22.83 28.75 -15.33
N ARG B 180 -21.85 28.13 -15.96
CA ARG B 180 -21.99 26.76 -16.47
C ARG B 180 -21.03 25.85 -15.68
N ALA B 181 -21.61 24.91 -14.95
CA ALA B 181 -20.85 24.05 -14.06
C ALA B 181 -21.04 22.59 -14.47
N LEU B 182 -20.07 21.78 -14.07
CA LEU B 182 -20.03 20.35 -14.34
C LEU B 182 -19.91 19.59 -13.03
N THR B 183 -20.87 18.70 -12.78
CA THR B 183 -20.83 17.78 -11.65
C THR B 183 -20.35 16.42 -12.16
N LYS B 184 -19.21 15.98 -11.65
CA LYS B 184 -18.59 14.73 -12.09
C LYS B 184 -18.98 13.54 -11.23
N ALA B 185 -19.46 13.77 -10.01
CA ALA B 185 -19.75 12.72 -9.06
C ALA B 185 -20.65 13.26 -7.97
N VAL B 186 -21.40 12.35 -7.35
CA VAL B 186 -22.27 12.63 -6.22
C VAL B 186 -21.91 11.69 -5.07
N LYS B 187 -21.91 12.22 -3.85
CA LYS B 187 -21.61 11.41 -2.67
C LYS B 187 -22.72 10.42 -2.38
N ARG B 188 -22.36 9.37 -1.65
CA ARG B 188 -23.36 8.43 -1.18
C ARG B 188 -24.25 9.04 -0.11
N ARG B 189 -23.66 9.76 0.84
CA ARG B 189 -24.32 10.13 2.07
C ARG B 189 -23.74 11.41 2.64
N VAL B 190 -24.62 12.29 3.15
CA VAL B 190 -24.22 13.42 3.98
C VAL B 190 -25.21 13.50 5.15
N TYR B 191 -24.90 14.39 6.10
CA TYR B 191 -25.64 14.51 7.36
C TYR B 191 -26.07 15.96 7.54
N LEU B 192 -27.24 16.16 8.18
CA LEU B 192 -27.86 17.48 8.28
C LEU B 192 -28.38 17.67 9.70
N GLY B 193 -27.95 18.76 10.36
CA GLY B 193 -28.46 19.09 11.67
C GLY B 193 -28.96 20.53 11.68
N SER B 194 -29.75 20.84 12.71
CA SER B 194 -30.46 22.12 12.78
C SER B 194 -30.32 22.72 14.17
N SER B 195 -30.28 24.06 14.22
CA SER B 195 -30.30 24.76 15.50
C SER B 195 -31.65 24.64 16.20
N ARG B 196 -32.69 24.31 15.48
CA ARG B 196 -34.02 24.16 16.03
C ARG B 196 -34.29 22.69 16.28
N PRO B 197 -34.58 22.32 17.51
CA PRO B 197 -34.80 20.93 17.83
C PRO B 197 -35.93 20.40 16.99
N ASP B 198 -35.78 19.18 16.53
CA ASP B 198 -36.81 18.49 15.78
C ASP B 198 -37.34 19.39 14.62
N CYS B 199 -36.42 19.93 13.84
CA CYS B 199 -36.68 20.91 12.75
C CYS B 199 -37.20 20.42 11.39
N PRO B 200 -38.17 21.11 10.78
CA PRO B 200 -38.85 20.88 9.50
C PRO B 200 -38.29 21.41 8.16
N ALA B 201 -37.52 22.47 8.23
CA ALA B 201 -36.81 22.94 7.14
C ALA B 201 -35.87 21.77 6.92
N ARG B 202 -35.56 21.03 7.96
CA ARG B 202 -34.65 19.91 7.87
C ARG B 202 -35.17 18.83 6.92
N GLU B 203 -36.45 18.47 7.03
CA GLU B 203 -36.97 17.44 6.13
C GLU B 203 -37.06 17.93 4.70
N THR B 204 -37.37 19.22 4.52
CA THR B 204 -37.44 19.79 3.18
C THR B 204 -36.09 19.66 2.48
N TRP B 205 -35.02 20.06 3.17
CA TRP B 205 -33.69 19.99 2.57
C TRP B 205 -33.20 18.56 2.40
N ARG B 206 -33.65 17.63 3.25
CA ARG B 206 -33.38 16.22 2.98
C ARG B 206 -33.92 15.82 1.61
N ARG B 207 -35.18 16.19 1.32
CA ARG B 207 -35.75 15.86 0.02
C ARG B 207 -35.07 16.63 -1.12
N VAL B 208 -34.84 17.93 -0.95
CA VAL B 208 -34.22 18.70 -2.02
C VAL B 208 -32.93 18.03 -2.48
N LEU B 209 -32.03 17.75 -1.54
CA LEU B 209 -30.71 17.24 -1.90
C LEU B 209 -30.79 15.81 -2.39
N ALA B 210 -31.79 15.04 -1.93
CA ALA B 210 -31.97 13.69 -2.40
C ALA B 210 -32.22 13.61 -3.91
N GLY B 211 -32.71 14.68 -4.52
CA GLY B 211 -32.88 14.67 -5.97
C GLY B 211 -31.60 14.46 -6.74
N SER B 212 -30.45 14.74 -6.12
CA SER B 212 -29.16 14.50 -6.75
C SER B 212 -28.73 13.05 -6.64
N GLY B 213 -29.40 12.28 -5.80
CA GLY B 213 -29.01 10.91 -5.55
C GLY B 213 -28.30 10.70 -4.22
N VAL B 214 -27.95 11.75 -3.51
CA VAL B 214 -27.32 11.58 -2.21
C VAL B 214 -28.38 11.24 -1.18
N GLU B 215 -28.00 10.43 -0.19
CA GLU B 215 -28.82 10.17 0.98
C GLU B 215 -28.46 11.22 2.05
N VAL B 216 -29.44 11.99 2.49
CA VAL B 216 -29.24 12.93 3.57
C VAL B 216 -29.75 12.28 4.85
N VAL B 217 -28.87 12.16 5.83
CA VAL B 217 -29.22 11.57 7.12
C VAL B 217 -29.43 12.71 8.12
N PRO B 218 -30.66 12.97 8.56
CA PRO B 218 -30.84 13.99 9.60
C PRO B 218 -30.33 13.51 10.95
N LEU B 219 -29.64 14.41 11.64
CA LEU B 219 -29.12 14.17 12.98
C LEU B 219 -29.67 15.21 13.94
N ALA B 220 -29.60 14.89 15.23
CA ALA B 220 -30.38 15.62 16.22
C ALA B 220 -29.75 16.95 16.61
N THR B 221 -28.47 17.16 16.34
CA THR B 221 -27.86 18.47 16.62
C THR B 221 -26.94 18.86 15.47
N PRO B 222 -26.66 20.16 15.33
CA PRO B 222 -25.74 20.59 14.27
C PRO B 222 -24.36 20.01 14.42
N GLU B 223 -23.87 19.89 15.66
CA GLU B 223 -22.49 19.48 15.88
C GLU B 223 -22.31 18.02 15.48
N ALA B 224 -23.36 17.22 15.62
CA ALA B 224 -23.30 15.83 15.16
C ALA B 224 -23.06 15.76 13.66
N ALA B 225 -23.70 16.64 12.89
CA ALA B 225 -23.44 16.70 11.45
C ALA B 225 -22.07 17.30 11.15
N GLU B 226 -21.69 18.38 11.85
CA GLU B 226 -20.40 19.03 11.62
C GLU B 226 -19.24 18.09 11.89
N GLY B 227 -19.42 17.12 12.78
CA GLY B 227 -18.37 16.18 13.11
C GLY B 227 -18.20 15.06 12.13
N ARG B 228 -18.99 15.05 11.07
CA ARG B 228 -18.97 14.00 10.06
C ARG B 228 -18.47 14.52 8.71
N ASN B 229 -17.38 15.28 8.68
CA ASN B 229 -16.74 15.66 7.42
C ASN B 229 -15.39 14.97 7.30
N VAL B 230 -15.20 14.21 6.23
CA VAL B 230 -14.00 13.40 6.09
C VAL B 230 -12.75 14.27 6.11
N THR B 231 -12.81 15.49 5.54
CA THR B 231 -11.58 16.27 5.38
C THR B 231 -10.97 16.60 6.74
N THR B 232 -11.79 16.86 7.75
CA THR B 232 -11.25 17.20 9.05
C THR B 232 -10.36 16.08 9.57
N TYR B 233 -10.77 14.83 9.35
CA TYR B 233 -10.03 13.69 9.89
C TYR B 233 -8.86 13.28 9.01
N VAL B 234 -8.89 13.57 7.72
CA VAL B 234 -7.91 13.04 6.76
C VAL B 234 -6.94 14.11 6.30
N HIS B 235 -7.46 15.29 5.90
CA HIS B 235 -6.57 16.32 5.42
C HIS B 235 -5.62 16.81 6.51
N SER B 236 -6.10 16.91 7.75
CA SER B 236 -5.26 17.39 8.84
C SER B 236 -4.01 16.54 9.01
N PRO B 237 -4.10 15.23 9.24
CA PRO B 237 -2.86 14.45 9.43
C PRO B 237 -2.02 14.28 8.18
N PHE B 238 -2.63 14.18 7.00
CA PHE B 238 -1.85 13.87 5.81
C PHE B 238 -1.26 15.11 5.16
N PHE B 239 -1.96 16.26 5.17
CA PHE B 239 -1.53 17.38 4.35
C PHE B 239 -1.06 18.57 5.18
N LEU B 240 -1.06 18.47 6.51
CA LEU B 240 -0.36 19.45 7.35
C LEU B 240 0.99 18.93 7.85
N GLY B 241 1.42 17.72 7.43
CA GLY B 241 2.70 17.18 7.80
C GLY B 241 3.84 17.65 6.91
N GLU B 242 5.05 17.20 7.27
CA GLU B 242 6.26 17.72 6.66
C GLU B 242 6.35 17.38 5.18
N PHE B 243 6.01 16.15 4.79
CA PHE B 243 6.12 15.76 3.40
C PHE B 243 5.20 16.59 2.52
N ALA B 244 3.91 16.67 2.88
CA ALA B 244 2.95 17.40 2.08
C ALA B 244 3.35 18.86 1.96
N LEU B 245 3.77 19.47 3.06
CA LEU B 245 4.12 20.89 3.02
C LEU B 245 5.34 21.13 2.15
N ALA B 246 6.32 20.23 2.17
CA ALA B 246 7.47 20.37 1.29
C ALA B 246 7.09 20.34 -0.18
N ARG B 247 6.13 19.47 -0.55
CA ARG B 247 5.66 19.45 -1.93
C ARG B 247 4.88 20.71 -2.27
N ILE B 248 3.93 21.09 -1.40
CA ILE B 248 3.02 22.21 -1.68
C ILE B 248 3.78 23.52 -1.82
N LEU B 249 4.83 23.71 -1.02
CA LEU B 249 5.56 24.96 -0.99
C LEU B 249 6.70 24.98 -1.99
N SER B 250 6.88 23.89 -2.73
CA SER B 250 7.93 23.81 -3.73
C SER B 250 7.47 24.45 -5.04
N GLU B 251 8.43 24.97 -5.79
CA GLU B 251 8.13 25.47 -7.12
C GLU B 251 8.76 24.63 -8.22
N GLN B 252 9.76 23.83 -7.90
CA GLN B 252 10.41 22.95 -8.84
C GLN B 252 10.44 21.55 -8.24
N GLY B 253 10.68 20.58 -9.10
CA GLY B 253 10.67 19.20 -8.70
C GLY B 253 9.28 18.61 -8.87
N PRO B 254 9.17 17.31 -8.65
CA PRO B 254 7.88 16.65 -8.82
C PRO B 254 6.94 17.06 -7.69
N PRO B 255 5.67 17.21 -7.99
CA PRO B 255 4.70 17.53 -6.92
C PRO B 255 4.41 16.39 -5.96
N GLY B 256 4.70 15.15 -6.33
CA GLY B 256 4.28 14.02 -5.52
C GLY B 256 2.77 13.85 -5.58
N PHE B 257 2.29 12.85 -4.81
CA PHE B 257 0.92 12.40 -4.92
C PHE B 257 0.24 12.37 -3.56
N MET B 258 -1.00 12.84 -3.51
CA MET B 258 -1.63 13.11 -2.22
C MET B 258 -1.93 11.85 -1.42
N TYR B 259 -2.23 10.72 -2.08
CA TYR B 259 -2.71 9.51 -1.39
C TYR B 259 -1.76 8.32 -1.57
N LYS B 260 -0.50 8.57 -1.92
CA LYS B 260 0.45 7.48 -2.01
C LYS B 260 1.31 7.37 -0.75
N LEU B 261 1.95 6.21 -0.63
CA LEU B 261 2.86 5.97 0.47
C LEU B 261 4.19 6.68 0.22
N TYR B 262 4.89 7.00 1.30
CA TYR B 262 6.23 7.54 1.22
C TYR B 262 7.12 6.56 0.46
N PRO B 263 8.00 7.02 -0.43
CA PRO B 263 8.36 8.42 -0.75
C PRO B 263 7.59 9.05 -1.89
N GLU B 264 6.56 8.40 -2.42
CA GLU B 264 5.78 8.99 -3.51
C GLU B 264 4.70 9.95 -2.99
N GLY B 265 4.24 9.73 -1.75
CA GLY B 265 3.21 10.53 -1.13
C GLY B 265 3.44 10.60 0.36
N PRO B 266 2.51 11.20 1.10
CA PRO B 266 2.72 11.49 2.52
C PRO B 266 2.35 10.40 3.51
N ILE B 267 1.81 9.30 3.02
CA ILE B 267 1.24 8.31 3.94
C ILE B 267 2.35 7.43 4.49
N THR B 268 2.51 7.48 5.81
CA THR B 268 3.49 6.77 6.59
C THR B 268 2.81 6.24 7.84
N PRO B 269 3.42 5.27 8.53
CA PRO B 269 2.87 4.88 9.85
C PRO B 269 2.77 6.07 10.81
N GLY B 270 3.68 7.03 10.73
CA GLY B 270 3.55 8.21 11.59
C GLY B 270 2.34 9.05 11.24
N ALA B 271 2.04 9.20 9.95
CA ALA B 271 0.86 9.95 9.54
C ALA B 271 -0.42 9.24 10.00
N ILE B 272 -0.43 7.91 9.94
CA ILE B 272 -1.58 7.14 10.38
C ILE B 272 -1.75 7.25 11.90
N GLY B 273 -0.64 7.25 12.65
CA GLY B 273 -0.73 7.51 14.08
C GLY B 273 -1.28 8.88 14.41
N ALA B 274 -0.84 9.90 13.69
CA ALA B 274 -1.46 11.21 13.82
C ALA B 274 -2.95 11.17 13.53
N MET B 275 -3.35 10.43 12.49
CA MET B 275 -4.77 10.34 12.14
C MET B 275 -5.56 9.72 13.29
N ARG B 276 -5.06 8.63 13.87
CA ARG B 276 -5.77 8.01 14.97
C ARG B 276 -5.86 8.97 16.15
N ARG B 277 -4.73 9.59 16.51
CA ARG B 277 -4.71 10.44 17.70
C ARG B 277 -5.63 11.63 17.51
N LEU B 278 -5.62 12.24 16.31
CA LEU B 278 -6.51 13.36 16.06
C LEU B 278 -7.98 12.94 16.14
N TRP B 279 -8.31 11.76 15.61
CA TRP B 279 -9.67 11.26 15.67
C TRP B 279 -10.12 11.12 17.12
N CYS B 280 -9.23 10.63 17.99
CA CYS B 280 -9.56 10.54 19.40
C CYS B 280 -9.81 11.93 19.99
N GLU B 281 -8.99 12.91 19.64
CA GLU B 281 -9.15 14.26 20.18
C GLU B 281 -10.45 14.88 19.71
N LEU B 282 -10.73 14.77 18.41
CA LEU B 282 -11.96 15.31 17.85
C LEU B 282 -13.18 14.61 18.44
N SER B 283 -13.07 13.30 18.68
CA SER B 283 -14.21 12.57 19.21
C SER B 283 -14.55 13.03 20.61
N GLU B 284 -13.54 13.32 21.43
CA GLU B 284 -13.82 13.82 22.77
C GLU B 284 -14.39 15.23 22.73
N LEU B 285 -13.89 16.10 21.83
CA LEU B 285 -14.52 17.42 21.68
C LEU B 285 -16.00 17.28 21.34
N LEU B 286 -16.32 16.42 20.35
CA LEU B 286 -17.72 16.21 19.99
C LEU B 286 -18.54 15.77 21.20
N ARG B 287 -18.03 14.83 21.99
CA ARG B 287 -18.76 14.39 23.16
C ARG B 287 -19.02 15.54 24.12
N ARG B 288 -18.03 16.39 24.34
CA ARG B 288 -18.22 17.52 25.25
C ARG B 288 -19.18 18.55 24.67
N MET B 289 -19.36 18.60 23.36
CA MET B 289 -20.38 19.46 22.74
C MET B 289 -21.73 18.75 22.56
N GLY B 290 -21.90 17.56 23.14
CA GLY B 290 -23.17 16.89 23.08
C GLY B 290 -23.48 16.15 21.80
N ALA B 291 -22.44 15.73 21.07
CA ALA B 291 -22.60 15.02 19.82
C ALA B 291 -21.92 13.65 19.89
N GLU B 292 -22.57 12.66 19.32
CA GLU B 292 -22.01 11.31 19.26
C GLU B 292 -20.92 11.27 18.20
N PRO B 293 -19.72 10.84 18.52
CA PRO B 293 -18.65 10.78 17.54
C PRO B 293 -18.82 9.58 16.60
N LEU B 294 -17.89 9.46 15.68
CA LEU B 294 -17.99 8.46 14.64
C LEU B 294 -16.91 7.39 14.76
N ASN B 295 -17.16 6.26 14.12
CA ASN B 295 -16.19 5.18 13.96
C ASN B 295 -15.42 5.51 12.68
N LEU B 296 -14.14 5.93 12.82
CA LEU B 296 -13.45 6.52 11.68
C LEU B 296 -13.38 5.53 10.51
N LEU B 297 -13.00 4.28 10.79
CA LEU B 297 -12.83 3.32 9.70
C LEU B 297 -14.17 3.01 9.01
N ARG B 298 -15.24 2.88 9.78
CA ARG B 298 -16.54 2.64 9.18
C ARG B 298 -16.97 3.84 8.34
N PHE B 299 -16.72 5.05 8.84
CA PHE B 299 -17.03 6.27 8.11
C PHE B 299 -16.28 6.33 6.78
N LEU B 300 -14.98 6.06 6.81
CA LEU B 300 -14.20 6.08 5.58
C LEU B 300 -14.70 5.01 4.61
N ASN B 301 -14.90 3.79 5.09
CA ASN B 301 -15.27 2.71 4.20
C ASN B 301 -16.65 2.89 3.61
N ASP B 302 -17.62 3.29 4.44
CA ASP B 302 -19.02 3.32 4.02
C ASP B 302 -19.43 4.64 3.41
N ASP B 303 -18.79 5.74 3.78
CA ASP B 303 -19.15 7.07 3.28
C ASP B 303 -18.19 7.63 2.25
N ASN B 304 -16.95 7.14 2.17
CA ASN B 304 -15.95 7.68 1.24
C ASN B 304 -15.66 6.67 0.14
N TYR B 305 -15.08 5.51 0.46
CA TYR B 305 -14.84 4.50 -0.56
C TYR B 305 -14.51 3.16 0.09
N PRO B 306 -15.11 2.08 -0.38
CA PRO B 306 -14.96 0.78 0.28
C PRO B 306 -13.74 0.01 -0.22
N VAL B 307 -13.39 -1.02 0.56
CA VAL B 307 -12.45 -2.05 0.14
C VAL B 307 -13.10 -3.43 0.33
N HIS B 308 -12.46 -4.44 -0.24
CA HIS B 308 -12.96 -5.81 -0.14
C HIS B 308 -12.84 -6.36 1.27
N GLU B 309 -13.73 -7.31 1.60
CA GLU B 309 -13.67 -8.04 2.86
C GLU B 309 -12.31 -8.68 3.09
N THR B 310 -11.63 -9.10 2.02
CA THR B 310 -10.29 -9.69 2.11
C THR B 310 -9.30 -8.73 2.72
N MET B 311 -9.45 -7.43 2.45
CA MET B 311 -8.53 -6.47 3.03
C MET B 311 -9.02 -5.93 4.37
N LEU B 312 -10.30 -5.58 4.50
CA LEU B 312 -10.86 -5.09 5.75
C LEU B 312 -12.14 -5.88 6.01
N PRO B 313 -12.08 -6.94 6.82
CA PRO B 313 -13.31 -7.65 7.18
C PRO B 313 -14.34 -6.73 7.80
N ARG B 314 -15.61 -6.96 7.46
CA ARG B 314 -16.68 -6.16 8.05
C ARG B 314 -16.64 -6.14 9.57
N ALA B 315 -16.33 -7.27 10.21
CA ALA B 315 -16.25 -7.25 11.66
C ALA B 315 -15.14 -6.34 12.18
N SER B 316 -14.03 -6.23 11.44
CA SER B 316 -12.97 -5.31 11.83
C SER B 316 -13.40 -3.86 11.64
N ILE B 317 -14.15 -3.59 10.57
CA ILE B 317 -14.66 -2.24 10.35
C ILE B 317 -15.61 -1.86 11.47
N ASP B 318 -16.59 -2.73 11.75
CA ASP B 318 -17.60 -2.38 12.75
C ASP B 318 -17.00 -2.31 14.15
N GLY B 319 -15.97 -3.11 14.42
CA GLY B 319 -15.31 -3.15 15.71
C GLY B 319 -14.21 -2.14 15.91
N PHE B 320 -13.94 -1.31 14.91
CA PHE B 320 -12.77 -0.44 14.95
C PHE B 320 -12.71 0.41 16.20
N ALA B 321 -13.83 1.02 16.61
CA ALA B 321 -13.78 1.96 17.72
C ALA B 321 -13.38 1.30 19.03
N GLU B 322 -13.55 0.00 19.17
CA GLU B 322 -13.22 -0.72 20.38
C GLU B 322 -11.97 -1.57 20.26
N ALA B 323 -11.26 -1.50 19.14
CA ALA B 323 -10.00 -2.18 18.97
C ALA B 323 -8.92 -1.39 19.70
N GLY B 324 -7.83 -2.04 20.01
CA GLY B 324 -6.73 -1.30 20.61
C GLY B 324 -6.14 -0.29 19.64
N ALA B 325 -5.33 0.62 20.18
CA ALA B 325 -4.68 1.63 19.34
C ALA B 325 -3.81 1.00 18.25
N GLU B 326 -3.07 -0.04 18.56
CA GLU B 326 -2.22 -0.65 17.56
C GLU B 326 -3.02 -1.24 16.39
N ARG B 327 -4.06 -1.96 16.71
CA ARG B 327 -4.92 -2.48 15.68
C ARG B 327 -5.60 -1.38 14.88
N GLN B 328 -6.03 -0.31 15.54
CA GLN B 328 -6.66 0.76 14.84
C GLN B 328 -5.70 1.37 13.82
N GLU B 329 -4.45 1.60 14.20
CA GLU B 329 -3.49 2.15 13.24
C GLU B 329 -3.23 1.17 12.09
N TYR B 330 -3.03 -0.11 12.39
CA TYR B 330 -2.86 -1.10 11.34
C TYR B 330 -4.02 -1.09 10.37
N LEU B 331 -5.27 -1.09 10.87
CA LEU B 331 -6.43 -1.09 9.98
C LEU B 331 -6.47 0.16 9.10
N LEU B 332 -6.14 1.32 9.66
CA LEU B 332 -6.14 2.54 8.86
C LEU B 332 -5.07 2.49 7.80
N PHE B 333 -3.89 1.99 8.15
CA PHE B 333 -2.83 1.87 7.16
C PHE B 333 -3.25 0.93 6.02
N VAL B 334 -3.81 -0.23 6.37
CA VAL B 334 -4.33 -1.16 5.37
C VAL B 334 -5.33 -0.46 4.46
N ARG B 335 -6.27 0.30 5.05
CA ARG B 335 -7.29 0.98 4.25
C ARG B 335 -6.64 1.81 3.15
N TYR B 336 -5.66 2.64 3.49
CA TYR B 336 -5.06 3.51 2.47
C TYR B 336 -4.17 2.72 1.51
N ALA B 337 -3.47 1.69 1.99
CA ALA B 337 -2.66 0.88 1.09
C ALA B 337 -3.54 0.13 0.09
N ALA B 338 -4.69 -0.34 0.55
CA ALA B 338 -5.62 -1.09 -0.28
C ALA B 338 -6.23 -0.22 -1.38
N LEU B 339 -6.21 1.11 -1.22
CA LEU B 339 -6.77 2.04 -2.19
C LEU B 339 -5.69 2.77 -2.99
N LEU B 340 -4.44 2.28 -2.98
CA LEU B 340 -3.46 2.82 -3.89
C LEU B 340 -3.92 2.62 -5.33
N VAL B 341 -4.63 1.52 -5.60
CA VAL B 341 -5.33 1.31 -6.85
C VAL B 341 -6.80 1.15 -6.48
N ASP B 342 -7.66 1.31 -7.48
CA ASP B 342 -9.09 1.14 -7.26
C ASP B 342 -9.45 -0.34 -7.33
N PRO B 343 -9.73 -1.01 -6.21
CA PRO B 343 -9.94 -2.46 -6.27
C PRO B 343 -11.20 -2.87 -7.00
N PHE B 344 -12.09 -1.94 -7.29
CA PHE B 344 -13.35 -2.24 -7.98
C PHE B 344 -13.33 -1.85 -9.44
N SER B 345 -12.23 -1.28 -9.92
CA SER B 345 -12.08 -0.97 -11.33
C SER B 345 -11.83 -2.24 -12.14
N PRO B 346 -12.08 -2.18 -13.44
CA PRO B 346 -11.73 -3.31 -14.28
C PRO B 346 -10.22 -3.48 -14.37
N ALA B 347 -9.78 -4.72 -14.41
CA ALA B 347 -8.36 -5.02 -14.51
C ALA B 347 -7.96 -5.00 -15.97
N ASP B 348 -6.73 -4.59 -16.23
CA ASP B 348 -6.17 -4.68 -17.57
C ASP B 348 -5.71 -6.13 -17.80
N GLU B 349 -5.01 -6.36 -18.91
CA GLU B 349 -4.68 -7.73 -19.31
C GLU B 349 -3.69 -8.38 -18.36
N GLN B 350 -2.80 -7.60 -17.72
CA GLN B 350 -1.86 -8.16 -16.76
C GLN B 350 -2.47 -8.32 -15.37
N GLY B 351 -3.57 -7.63 -15.10
CA GLY B 351 -4.21 -7.68 -13.80
C GLY B 351 -4.07 -6.41 -13.01
N ARG B 352 -3.59 -5.34 -13.62
CA ARG B 352 -3.48 -4.06 -12.92
C ARG B 352 -4.82 -3.37 -12.84
N HIS B 353 -5.03 -2.66 -11.74
CA HIS B 353 -6.21 -1.83 -11.55
C HIS B 353 -5.83 -0.36 -11.65
N PHE B 354 -6.86 0.46 -11.77
CA PHE B 354 -6.67 1.88 -12.00
C PHE B 354 -5.96 2.57 -10.84
N ASP B 355 -5.00 3.39 -11.17
CA ASP B 355 -4.19 4.07 -10.18
C ASP B 355 -4.88 5.30 -9.69
N PHE B 356 -5.86 5.14 -8.84
CA PHE B 356 -6.49 6.34 -8.35
C PHE B 356 -5.87 7.06 -7.15
N SER B 357 -4.72 6.65 -6.66
CA SER B 357 -4.05 7.38 -5.66
C SER B 357 -3.12 8.43 -6.28
N ALA B 358 -2.98 8.47 -7.59
CA ALA B 358 -2.02 9.37 -8.24
C ALA B 358 -2.63 10.74 -8.47
N VAL B 359 -3.19 11.31 -7.39
CA VAL B 359 -3.70 12.66 -7.39
C VAL B 359 -2.51 13.60 -7.10
N PRO B 360 -2.09 14.43 -8.02
CA PRO B 360 -0.91 15.27 -7.74
C PRO B 360 -1.23 16.36 -6.72
N PHE B 361 -0.23 16.69 -5.90
CA PHE B 361 -0.35 17.88 -5.06
C PHE B 361 -0.47 19.12 -5.94
N ARG B 362 -1.46 19.96 -5.62
CA ARG B 362 -1.48 21.35 -6.07
C ARG B 362 -0.50 22.13 -5.23
N ARG B 363 0.21 23.07 -5.86
CA ARG B 363 1.28 23.78 -5.18
C ARG B 363 1.02 25.28 -5.18
N VAL B 364 1.88 25.99 -4.46
CA VAL B 364 1.75 27.44 -4.41
C VAL B 364 1.83 27.99 -5.83
N SER B 365 1.11 29.10 -6.05
CA SER B 365 0.92 29.74 -7.35
C SER B 365 0.91 31.24 -7.07
N ARG B 366 1.40 32.02 -8.05
CA ARG B 366 1.24 33.48 -7.97
C ARG B 366 -0.13 33.90 -8.52
N ASP B 367 -0.78 34.84 -7.82
CA ASP B 367 -2.10 35.32 -8.23
C ASP B 367 -1.97 36.48 -9.24
N GLU B 368 -3.11 37.12 -9.54
CA GLU B 368 -3.12 38.19 -10.55
C GLU B 368 -2.21 39.34 -10.17
N ASP B 369 -2.06 39.60 -8.86
CA ASP B 369 -1.22 40.68 -8.37
C ASP B 369 0.22 40.25 -8.15
N GLY B 370 0.58 39.02 -8.51
CA GLY B 370 1.94 38.56 -8.38
C GLY B 370 2.30 37.94 -7.05
N LEU B 371 1.32 37.69 -6.20
CA LEU B 371 1.54 37.26 -4.82
C LEU B 371 1.32 35.76 -4.70
N TRP B 372 2.20 35.12 -3.94
CA TRP B 372 2.07 33.69 -3.72
C TRP B 372 0.81 33.38 -2.93
N ARG B 373 0.08 32.36 -3.40
CA ARG B 373 -1.11 31.86 -2.72
C ARG B 373 -0.98 30.37 -2.48
N LEU B 374 -1.52 29.92 -1.39
CA LEU B 374 -1.65 28.50 -1.12
C LEU B 374 -2.92 27.95 -1.76
N PRO B 375 -2.89 26.69 -2.18
CA PRO B 375 -4.13 26.03 -2.60
C PRO B 375 -5.07 25.81 -1.43
N ARG B 376 -6.35 25.61 -1.75
CA ARG B 376 -7.37 25.40 -0.72
C ARG B 376 -7.00 24.22 0.16
N VAL B 377 -6.44 23.16 -0.41
CA VAL B 377 -5.73 22.15 0.35
C VAL B 377 -4.25 22.56 0.36
N PRO B 378 -3.69 22.99 1.50
CA PRO B 378 -4.20 22.86 2.86
C PRO B 378 -4.65 24.12 3.58
N LEU B 379 -4.77 25.25 2.88
CA LEU B 379 -5.11 26.50 3.57
C LEU B 379 -6.42 26.36 4.34
N GLU B 380 -7.45 25.84 3.68
CA GLU B 380 -8.76 25.75 4.32
C GLU B 380 -8.71 24.77 5.47
N ASP B 381 -7.92 23.71 5.32
CA ASP B 381 -7.79 22.69 6.36
C ASP B 381 -7.09 23.24 7.58
N TYR B 382 -6.01 24.00 7.39
CA TYR B 382 -5.36 24.64 8.53
C TYR B 382 -6.31 25.59 9.27
N ARG B 383 -7.01 26.46 8.53
CA ARG B 383 -7.94 27.40 9.17
C ARG B 383 -9.00 26.67 9.97
N LYS B 384 -9.54 25.59 9.44
CA LYS B 384 -10.56 24.85 10.18
C LYS B 384 -9.98 24.26 11.46
N LEU B 385 -8.83 23.60 11.38
CA LEU B 385 -8.27 22.99 12.59
C LEU B 385 -7.83 24.03 13.61
N ALA B 386 -7.33 25.20 13.16
CA ALA B 386 -6.96 26.23 14.10
C ALA B 386 -8.16 26.68 14.92
N LEU B 387 -9.33 26.82 14.28
CA LEU B 387 -10.52 27.18 15.01
C LEU B 387 -10.91 26.08 15.99
N ILE B 388 -10.87 24.82 15.53
CA ILE B 388 -11.23 23.70 16.39
C ILE B 388 -10.38 23.66 17.65
N VAL B 389 -9.08 23.88 17.52
CA VAL B 389 -8.20 23.83 18.68
C VAL B 389 -8.53 24.95 19.65
N ALA B 390 -8.72 26.16 19.14
CA ALA B 390 -9.08 27.27 20.01
C ALA B 390 -10.40 27.02 20.72
N LEU B 391 -11.35 26.40 20.04
CA LEU B 391 -12.64 26.08 20.64
C LEU B 391 -12.47 25.03 21.73
N ALA B 392 -11.70 23.99 21.43
CA ALA B 392 -11.53 22.90 22.37
C ALA B 392 -10.91 23.36 23.68
N ALA B 393 -10.08 24.40 23.65
CA ALA B 393 -9.50 24.94 24.87
C ALA B 393 -10.58 25.34 25.86
N HIS B 394 -11.70 25.86 25.38
CA HIS B 394 -12.77 26.26 26.29
C HIS B 394 -13.39 25.05 26.96
N PHE B 395 -13.34 23.87 26.33
CA PHE B 395 -13.81 22.62 26.91
C PHE B 395 -12.72 21.88 27.67
N ASP B 396 -11.61 22.56 28.00
CA ASP B 396 -10.52 22.00 28.77
C ASP B 396 -9.84 20.84 28.06
N LEU B 397 -9.77 20.91 26.74
CA LEU B 397 -9.09 19.92 25.91
C LEU B 397 -7.90 20.56 25.21
N ALA B 398 -6.72 19.98 25.41
CA ALA B 398 -5.48 20.56 24.92
C ALA B 398 -5.14 20.18 23.49
N MET B 399 -5.66 19.06 23.00
CA MET B 399 -5.49 18.65 21.62
C MET B 399 -4.03 18.65 21.16
N PRO B 400 -3.15 17.91 21.83
CA PRO B 400 -1.74 18.00 21.46
C PRO B 400 -1.45 17.56 20.03
N GLN B 401 -2.13 16.52 19.51
CA GLN B 401 -1.86 16.10 18.15
C GLN B 401 -2.27 17.18 17.15
N ALA B 402 -3.46 17.74 17.34
CA ALA B 402 -3.90 18.86 16.50
C ALA B 402 -2.89 20.01 16.56
N ARG B 403 -2.41 20.33 17.75
CA ARG B 403 -1.49 21.45 17.90
C ARG B 403 -0.16 21.15 17.19
N SER B 404 0.28 19.90 17.20
CA SER B 404 1.49 19.54 16.47
C SER B 404 1.32 19.73 14.97
N LEU B 405 0.15 19.39 14.42
CA LEU B 405 -0.09 19.59 13.01
C LEU B 405 -0.18 21.08 12.67
N LEU B 406 -0.82 21.87 13.53
CA LEU B 406 -0.84 23.32 13.32
C LEU B 406 0.58 23.87 13.30
N ALA B 407 1.44 23.42 14.22
CA ALA B 407 2.80 23.93 14.31
C ALA B 407 3.61 23.57 13.07
N SER B 408 3.40 22.37 12.56
CA SER B 408 4.06 21.93 11.34
C SER B 408 3.75 22.86 10.18
N TYR B 409 2.47 23.16 9.98
CA TYR B 409 2.06 24.11 8.95
C TYR B 409 2.68 25.47 9.19
N GLU B 410 2.53 26.01 10.40
CA GLU B 410 3.00 27.36 10.68
C GLU B 410 4.49 27.49 10.44
N ASN B 411 5.27 26.52 10.90
CA ASN B 411 6.71 26.59 10.70
C ASN B 411 7.07 26.52 9.22
N ALA B 412 6.42 25.64 8.45
CA ALA B 412 6.77 25.51 7.04
C ALA B 412 6.37 26.76 6.26
N VAL B 413 5.17 27.30 6.52
CA VAL B 413 4.75 28.50 5.81
C VAL B 413 5.61 29.69 6.23
N SER B 414 5.96 29.77 7.51
CA SER B 414 6.84 30.85 7.96
C SER B 414 8.18 30.81 7.24
N ARG B 415 8.75 29.61 7.03
CA ARG B 415 10.01 29.53 6.30
C ARG B 415 9.82 29.93 4.83
N PHE B 416 8.67 29.58 4.24
CA PHE B 416 8.40 30.00 2.87
C PHE B 416 8.36 31.52 2.77
N ILE B 417 7.70 32.18 3.71
CA ILE B 417 7.64 33.64 3.68
C ILE B 417 9.04 34.20 3.83
N ASP B 418 9.82 33.66 4.78
CA ASP B 418 11.20 34.07 4.95
C ASP B 418 11.96 34.03 3.62
N CYS B 419 11.79 32.95 2.86
CA CYS B 419 12.56 32.79 1.64
CA CYS B 419 12.57 32.78 1.64
C CYS B 419 12.06 33.69 0.51
N GLN B 420 10.74 33.82 0.36
CA GLN B 420 10.19 34.53 -0.78
C GLN B 420 10.06 36.02 -0.52
N GLY B 421 9.96 36.41 0.75
CA GLY B 421 9.71 37.79 1.10
C GLY B 421 8.25 38.08 1.40
N ALA B 422 7.95 38.70 2.54
CA ALA B 422 6.56 38.94 2.88
C ALA B 422 5.87 39.77 1.82
N SER B 423 6.59 40.70 1.17
CA SER B 423 5.98 41.55 0.16
C SER B 423 5.53 40.76 -1.07
N GLN B 424 6.06 39.54 -1.27
CA GLN B 424 5.73 38.67 -2.40
C GLN B 424 4.64 37.66 -2.07
N CYS B 425 4.12 37.68 -0.84
CA CYS B 425 3.19 36.66 -0.36
C CYS B 425 1.84 37.28 -0.05
N HIS B 426 0.79 36.57 -0.46
CA HIS B 426 -0.56 37.03 -0.17
C HIS B 426 -0.80 37.00 1.33
N PRO B 427 -1.56 37.95 1.89
CA PRO B 427 -1.71 38.00 3.34
C PRO B 427 -2.40 36.80 3.95
N SER B 428 -3.04 35.96 3.15
CA SER B 428 -3.63 34.74 3.69
C SER B 428 -2.58 33.77 4.20
N LEU B 429 -1.30 33.99 3.86
CA LEU B 429 -0.23 33.18 4.39
C LEU B 429 0.24 33.65 5.77
N TYR B 430 -0.13 34.86 6.16
CA TYR B 430 0.36 35.45 7.40
C TYR B 430 -0.37 34.83 8.60
N PRO B 431 0.16 35.03 9.80
CA PRO B 431 -0.45 34.38 10.98
C PRO B 431 -1.90 34.81 11.20
N ILE B 432 -2.68 33.88 11.74
CA ILE B 432 -4.07 34.15 12.11
C ILE B 432 -4.26 33.91 13.59
N ASP B 433 -5.36 34.42 14.12
CA ASP B 433 -5.75 34.24 15.52
C ASP B 433 -7.22 33.86 15.54
N SER B 434 -7.52 32.58 15.84
CA SER B 434 -8.88 32.10 15.86
C SER B 434 -9.56 32.24 17.21
N ARG B 435 -8.90 32.86 18.20
CA ARG B 435 -9.47 32.86 19.55
C ARG B 435 -10.76 33.67 19.65
N PRO B 436 -10.88 34.81 18.97
CA PRO B 436 -12.17 35.54 19.03
C PRO B 436 -13.35 34.74 18.52
N ALA B 437 -13.19 34.03 17.40
CA ALA B 437 -14.30 33.23 16.91
C ALA B 437 -14.61 32.09 17.87
N ALA B 438 -13.57 31.44 18.39
CA ALA B 438 -13.79 30.35 19.33
C ALA B 438 -14.55 30.83 20.57
N ASP B 439 -14.20 32.02 21.07
CA ASP B 439 -14.90 32.57 22.23
C ASP B 439 -16.36 32.85 21.91
N ALA B 440 -16.65 33.36 20.71
CA ALA B 440 -18.02 33.59 20.31
C ALA B 440 -18.79 32.29 20.24
N ILE B 441 -18.17 31.24 19.69
CA ILE B 441 -18.82 29.93 19.65
C ILE B 441 -19.13 29.43 21.05
N TYR B 442 -18.15 29.49 21.95
CA TYR B 442 -18.36 28.99 23.29
C TYR B 442 -19.42 29.79 24.04
N ARG B 443 -19.41 31.11 23.91
CA ARG B 443 -20.46 31.90 24.53
C ARG B 443 -21.84 31.52 24.00
N GLN B 444 -21.97 31.32 22.68
CA GLN B 444 -23.26 30.94 22.10
C GLN B 444 -23.68 29.57 22.62
N TRP B 445 -22.73 28.63 22.73
CA TRP B 445 -23.04 27.30 23.22
C TRP B 445 -23.53 27.33 24.66
N CYS B 446 -23.00 28.25 25.46
CA CYS B 446 -23.37 28.34 26.87
C CYS B 446 -24.70 29.06 27.07
N SER B 447 -25.18 29.79 26.07
CA SER B 447 -26.40 30.57 26.20
C SER B 447 -27.65 29.70 26.33
PA NAP C . 16.87 -23.17 -13.34
O1A NAP C . 17.36 -21.97 -14.14
O2A NAP C . 15.52 -23.72 -13.71
O5B NAP C . 18.10 -24.26 -13.35
C5B NAP C . 17.88 -25.49 -12.68
C4B NAP C . 18.87 -26.48 -13.32
O4B NAP C . 18.75 -27.67 -12.74
C3B NAP C . 18.52 -26.61 -14.80
O3B NAP C . 19.66 -26.79 -15.55
C2B NAP C . 17.66 -27.89 -14.74
O2B NAP C . 17.70 -28.53 -16.09
C1B NAP C . 18.11 -28.70 -13.76
N9A NAP C . 16.98 -29.34 -13.06
C8A NAP C . 15.75 -28.94 -12.79
N7A NAP C . 15.06 -29.90 -12.14
C5A NAP C . 15.89 -30.93 -12.01
C6A NAP C . 15.71 -32.16 -11.43
N6A NAP C . 14.51 -32.66 -10.80
N1A NAP C . 16.72 -33.06 -11.46
C2A NAP C . 17.91 -32.75 -12.00
N3A NAP C . 18.08 -31.50 -12.55
C4A NAP C . 17.08 -30.60 -12.56
O3 NAP C . 16.66 -22.92 -11.72
PN NAP C . 17.44 -21.72 -10.89
O1N NAP C . 18.88 -21.82 -11.28
O2N NAP C . 16.75 -20.42 -11.25
O5D NAP C . 17.12 -22.13 -9.33
C5D NAP C . 17.72 -23.24 -8.71
C4D NAP C . 17.32 -23.20 -7.21
O4D NAP C . 17.63 -21.99 -6.67
C3D NAP C . 15.79 -23.37 -7.00
O3D NAP C . 15.56 -24.02 -5.81
C2D NAP C . 15.38 -21.93 -6.75
O2D NAP C . 14.00 -21.91 -6.14
C1D NAP C . 16.34 -21.44 -5.97
N1N NAP C . 16.31 -19.99 -6.10
C2N NAP C . 16.65 -19.36 -7.26
C3N NAP C . 16.52 -18.00 -7.34
C7N NAP C . 16.91 -17.25 -8.61
O7N NAP C . 16.98 -16.05 -8.62
N7N NAP C . 17.23 -17.98 -9.79
C4N NAP C . 16.07 -17.28 -6.26
C5N NAP C . 15.75 -17.93 -5.10
C6N NAP C . 15.85 -19.30 -5.03
P2B NAP C . 16.26 -28.80 -16.82
O1X NAP C . 15.60 -27.49 -17.02
O2X NAP C . 16.66 -29.53 -18.10
O3X NAP C . 15.50 -29.71 -15.91
C1 EDO D . 21.99 -33.99 -12.94
O1 EDO D . 20.87 -34.88 -12.77
C2 EDO D . 21.53 -32.60 -12.60
O2 EDO D . 20.63 -32.11 -13.61
H11 EDO D . 22.81 -34.29 -12.27
H12 EDO D . 22.37 -34.05 -13.96
HO1 EDO D . 21.15 -35.78 -12.92
H21 EDO D . 21.03 -32.60 -11.63
H22 EDO D . 22.39 -31.93 -12.54
HO2 EDO D . 20.35 -31.22 -13.39
C1 EDO E . 18.34 -12.45 12.01
O1 EDO E . 17.79 -12.27 13.22
C2 EDO E . 18.41 -11.20 11.22
O2 EDO E . 18.71 -10.12 12.00
H11 EDO E . 19.35 -12.86 12.12
H12 EDO E . 17.74 -13.19 11.46
HO1 EDO E . 17.78 -13.11 13.69
H21 EDO E . 19.17 -11.30 10.44
H22 EDO E . 17.45 -11.03 10.72
HO2 EDO E . 18.75 -9.32 11.45
C1 EDO F . -3.74 -19.33 6.09
O1 EDO F . -4.13 -19.20 7.47
C2 EDO F . -3.93 -20.76 5.55
O2 EDO F . -3.97 -20.78 4.10
H11 EDO F . -4.34 -18.64 5.48
H12 EDO F . -2.69 -19.04 5.98
HO1 EDO F . -4.05 -18.28 7.75
H21 EDO F . -3.11 -21.38 5.89
H22 EDO F . -4.86 -21.16 5.94
HO2 EDO F . -4.19 -21.66 3.80
PA NAP G . -16.17 28.62 -5.86
O1A NAP G . -14.89 29.40 -5.78
O2A NAP G . -16.58 28.03 -7.21
O5B NAP G . -17.43 29.66 -5.54
C5B NAP G . -17.38 30.48 -4.41
C4B NAP G . -18.28 31.67 -4.87
O4B NAP G . -18.58 32.43 -3.81
C3B NAP G . -17.54 32.55 -5.93
O3B NAP G . -18.40 33.02 -6.88
C2B NAP G . -16.95 33.60 -4.94
O2B NAP G . -16.63 34.82 -5.73
C1B NAP G . -17.92 33.88 -4.07
N9A NAP G . -17.50 34.29 -2.76
C8A NAP G . -16.43 34.03 -2.04
N7A NAP G . -16.52 34.68 -0.89
C5A NAP G . -17.68 35.37 -0.88
C6A NAP G . -18.22 36.19 0.08
N6A NAP G . -17.63 36.51 1.36
N1A NAP G . -19.42 36.74 -0.14
C2A NAP G . -20.04 36.51 -1.31
N3A NAP G . -19.50 35.70 -2.28
C4A NAP G . -18.30 35.11 -2.03
O3 NAP G . -16.23 27.58 -4.59
PN NAP G . -17.13 26.20 -4.68
O1N NAP G . -16.36 25.19 -5.54
O2N NAP G . -18.51 26.48 -5.18
O5D NAP G . -17.09 25.61 -3.16
C5D NAP G . -17.75 26.35 -2.13
C4D NAP G . -17.13 25.78 -0.80
O4D NAP G . -17.49 24.52 -0.78
C3D NAP G . -15.61 25.92 -0.95
O3D NAP G . -14.93 26.30 0.16
C2D NAP G . -15.22 24.43 -1.27
O2D NAP G . -13.83 24.21 -0.70
C1D NAP G . -16.14 23.67 -0.69
N1N NAP G . -16.29 22.44 -1.48
C2N NAP G . -16.58 22.44 -2.82
C3N NAP G . -16.63 21.25 -3.52
C7N NAP G . -16.93 21.21 -5.01
O7N NAP G . -17.01 20.16 -5.56
N7N NAP G . -17.08 22.42 -5.77
C4N NAP G . -16.43 20.07 -2.89
C5N NAP G . -16.16 20.06 -1.57
C6N NAP G . -16.08 21.24 -0.85
P2B NAP G . -15.04 35.12 -5.95
O1X NAP G . -14.38 35.19 -4.61
O2X NAP G . -14.48 33.97 -6.76
O3X NAP G . -14.97 36.46 -6.66
H51A NAP G . -17.74 30.03 -3.63
H52A NAP G . -16.48 30.78 -4.22
H4B NAP G . -19.11 31.36 -5.28
H3B NAP G . -16.85 32.11 -6.46
HO3A NAP G . -18.71 32.37 -7.34
H2B NAP G . -16.18 33.23 -4.48
H1B NAP G . -18.45 34.57 -4.47
H8A NAP G . -15.71 33.49 -2.29
H61A NAP G . -18.04 37.03 1.90
H62A NAP G . -16.87 36.18 1.57
H2A NAP G . -20.87 36.90 -1.47
H51N NAP G . -17.58 27.30 -2.21
H52N NAP G . -18.71 26.20 -2.16
H4D NAP G . -17.37 26.20 0.04
H3D NAP G . -15.44 26.58 -1.63
HO3N NAP G . -14.10 26.39 -0.04
H2D NAP G . -15.24 24.21 -2.21
HO2N NAP G . -13.26 24.60 -1.20
H1D NAP G . -15.92 23.49 0.23
H2N NAP G . -16.73 23.24 -3.25
H71N NAP G . -17.26 22.39 -6.61
H72N NAP G . -17.00 23.19 -5.38
H4N NAP G . -16.48 19.27 -3.37
H5N NAP G . -16.03 19.25 -1.13
H6N NAP G . -15.89 21.23 0.05
C1 EDO H . 1.02 2.54 -9.73
O1 EDO H . -0.30 1.98 -9.81
C2 EDO H . 2.00 1.55 -10.34
O2 EDO H . 3.12 1.35 -9.46
H11 EDO H . 1.29 2.74 -8.69
H12 EDO H . 1.06 3.48 -10.28
HO1 EDO H . -0.95 2.61 -9.45
H21 EDO H . 1.50 0.59 -10.50
H22 EDO H . 2.35 1.92 -11.30
HO2 EDO H . 3.73 0.72 -9.86
C1 EDO I . 4.26 12.32 7.05
O1 EDO I . 3.23 12.71 6.17
C2 EDO I . 5.03 13.59 7.43
O2 EDO I . 5.99 13.82 6.43
H11 EDO I . 3.85 11.83 7.94
H12 EDO I . 4.92 11.60 6.55
HO1 EDO I . 2.68 11.94 5.94
H21 EDO I . 4.35 14.43 7.50
H22 EDO I . 5.51 13.45 8.40
HO2 EDO I . 6.54 14.58 6.68
C1 EDO J . -13.23 7.46 19.99
O1 EDO J . -14.44 6.91 20.56
C2 EDO J . -12.07 7.32 20.95
O2 EDO J . -12.06 5.98 21.50
H11 EDO J . -13.00 6.96 19.05
H12 EDO J . -13.40 8.52 19.77
HO1 EDO J . -15.15 6.94 19.90
H21 EDO J . -11.13 7.51 20.43
H22 EDO J . -12.16 8.04 21.76
HO2 EDO J . -11.31 5.89 22.11
C1 EDO K . -13.14 27.81 9.14
O1 EDO K . -11.94 28.16 8.45
C2 EDO K . -12.98 28.20 10.60
O2 EDO K . -12.70 29.61 10.75
H11 EDO K . -13.99 28.33 8.71
H12 EDO K . -13.32 26.73 9.06
HO1 EDO K . -12.04 27.96 7.51
H21 EDO K . -13.89 27.96 11.15
H22 EDO K . -12.16 27.63 11.05
HO2 EDO K . -12.59 29.82 11.68
C1 EDO L . -4.87 -0.62 -15.58
O1 EDO L . -6.20 -0.23 -15.22
C2 EDO L . -3.96 0.60 -15.58
O2 EDO L . -4.70 1.71 -16.12
H11 EDO L . -4.49 -1.36 -14.86
H12 EDO L . -4.87 -1.08 -16.57
HO1 EDO L . -6.77 -1.01 -15.22
H21 EDO L . -3.64 0.82 -14.56
H22 EDO L . -3.07 0.41 -16.18
HO2 EDO L . -4.13 2.49 -16.14
C1 EDO M . -8.52 7.74 -1.68
O1 EDO M . -9.45 8.32 -2.62
C2 EDO M . -8.64 8.38 -0.29
O2 EDO M . -9.84 7.94 0.39
H11 EDO M . -8.72 6.67 -1.60
H12 EDO M . -7.50 7.87 -2.05
HO1 EDO M . -9.39 7.85 -3.46
H21 EDO M . -7.77 8.11 0.31
H22 EDO M . -8.66 9.47 -0.39
HO2 EDO M . -9.91 8.40 1.24
#